data_7PUO
#
_entry.id   7PUO
#
_cell.length_a   51.860
_cell.length_b   100.915
_cell.length_c   153.117
_cell.angle_alpha   90.000
_cell.angle_beta   90.000
_cell.angle_gamma   90.000
#
_symmetry.space_group_name_H-M   'P 21 21 21'
#
loop_
_entity.id
_entity.type
_entity.pdbx_description
1 polymer '2-hydroxymuconate tautomerase,Chains: A,B,C,D,E,F,2-hydroxymuconate tautomerase'
2 non-polymer GLYCEROL
3 non-polymer 'CHLORIDE ION'
4 water water
#
_entity_poly.entity_id   1
_entity_poly.type   'polypeptide(L)'
_entity_poly.pdbx_seq_one_letter_code
;PIAQIHILEGHSDEQKETLIRDVSEAISRSDDATLSSVRVIITELAKGHFGIGGELASKVPRGGGAGPIAQIHILEGRSG
EQKETLIREASEAISRSLDAPLKSVRIFITEIAKGHAGVGGELLSKVLR
;
_entity_poly.pdbx_strand_id   A,B,C,D,E,F
#
# COMPACT_ATOMS: atom_id res chain seq x y z
N PRO A 1 -3.68 8.64 -5.68
CA PRO A 1 -4.86 9.49 -5.66
C PRO A 1 -5.42 9.74 -7.05
N ILE A 2 -6.71 10.07 -7.09
CA ILE A 2 -7.42 10.27 -8.34
C ILE A 2 -8.05 11.65 -8.28
N ALA A 3 -7.78 12.47 -9.28
CA ALA A 3 -8.35 13.80 -9.38
C ALA A 3 -9.26 13.85 -10.60
N GLN A 4 -10.54 14.11 -10.38
CA GLN A 4 -11.50 14.37 -11.45
C GLN A 4 -11.68 15.89 -11.52
N ILE A 5 -11.29 16.49 -12.62
CA ILE A 5 -11.31 17.94 -12.75
C ILE A 5 -12.25 18.33 -13.88
N HIS A 6 -13.36 18.96 -13.52
CA HIS A 6 -14.24 19.56 -14.51
C HIS A 6 -13.76 20.96 -14.84
N ILE A 7 -13.55 21.22 -16.13
CA ILE A 7 -13.07 22.50 -16.59
C ILE A 7 -14.02 23.01 -17.65
N LEU A 8 -13.96 24.31 -17.89
CA LEU A 8 -14.80 24.94 -18.89
C LEU A 8 -14.28 24.60 -20.28
N GLU A 9 -15.18 24.58 -21.25
CA GLU A 9 -14.76 24.42 -22.64
C GLU A 9 -13.84 25.56 -23.06
N GLY A 10 -13.07 25.31 -24.10
CA GLY A 10 -12.27 26.33 -24.74
C GLY A 10 -10.82 26.36 -24.34
N HIS A 11 -10.38 25.47 -23.47
CA HIS A 11 -8.98 25.46 -23.11
C HIS A 11 -8.16 24.73 -24.16
N SER A 12 -6.93 25.20 -24.34
CA SER A 12 -6.08 24.60 -25.33
C SER A 12 -5.60 23.23 -24.85
N ASP A 13 -5.18 22.40 -25.81
CA ASP A 13 -4.55 21.15 -25.45
C ASP A 13 -3.27 21.39 -24.65
N GLU A 14 -2.59 22.49 -24.92
CA GLU A 14 -1.36 22.83 -24.20
C GLU A 14 -1.65 23.16 -22.74
N GLN A 15 -2.72 23.91 -22.47
CA GLN A 15 -3.13 24.15 -21.09
C GLN A 15 -3.50 22.86 -20.38
N LYS A 16 -4.21 21.95 -21.07
CA LYS A 16 -4.65 20.73 -20.44
C LYS A 16 -3.48 19.85 -20.05
N GLU A 17 -2.46 19.77 -20.91
CA GLU A 17 -1.29 18.99 -20.55
C GLU A 17 -0.55 19.62 -19.38
N THR A 18 -0.44 20.95 -19.37
CA THR A 18 0.16 21.63 -18.23
C THR A 18 -0.67 21.41 -16.98
N LEU A 19 -2.00 21.43 -17.11
CA LEU A 19 -2.88 21.14 -15.99
C LEU A 19 -2.61 19.76 -15.43
N ILE A 20 -2.53 18.76 -16.30
CA ILE A 20 -2.34 17.38 -15.86
C ILE A 20 -0.97 17.21 -15.19
N ARG A 21 0.07 17.82 -15.75
CA ARG A 21 1.40 17.66 -15.16
C ARG A 21 1.51 18.38 -13.82
N ASP A 22 1.15 19.67 -13.79
CA ASP A 22 1.33 20.44 -12.57
C ASP A 22 0.42 19.96 -11.45
N VAL A 23 -0.83 19.63 -11.75
CA VAL A 23 -1.70 19.21 -10.67
C VAL A 23 -1.24 17.87 -10.11
N SER A 24 -0.75 16.98 -10.97
CA SER A 24 -0.26 15.69 -10.51
C SER A 24 0.98 15.84 -9.63
N GLU A 25 1.89 16.74 -10.01
CA GLU A 25 3.05 17.02 -9.15
C GLU A 25 2.60 17.65 -7.83
N ALA A 26 1.62 18.56 -7.88
CA ALA A 26 1.11 19.17 -6.65
C ALA A 26 0.45 18.13 -5.74
N ILE A 27 -0.38 17.25 -6.32
CA ILE A 27 -1.04 16.21 -5.55
C ILE A 27 -0.02 15.23 -4.97
N SER A 28 0.97 14.85 -5.79
CA SER A 28 2.03 13.95 -5.34
C SER A 28 2.74 14.53 -4.12
N ARG A 29 3.19 15.78 -4.24
CA ARG A 29 3.90 16.45 -3.15
C ARG A 29 3.03 16.55 -1.91
N SER A 30 1.75 16.89 -2.08
CA SER A 30 0.87 17.22 -0.96
C SER A 30 0.18 15.99 -0.36
N ASP A 31 -0.05 14.94 -1.12
CA ASP A 31 -0.66 13.75 -0.55
C ASP A 31 0.37 12.73 -0.05
N ASP A 32 1.68 12.99 -0.22
CA ASP A 32 2.72 12.00 0.05
C ASP A 32 2.47 10.70 -0.71
N ALA A 33 2.22 10.85 -2.01
CA ALA A 33 2.01 9.73 -2.91
C ALA A 33 3.04 9.79 -4.03
N THR A 34 3.41 8.63 -4.55
CA THR A 34 4.30 8.61 -5.71
C THR A 34 3.61 9.27 -6.89
N LEU A 35 4.39 10.00 -7.69
CA LEU A 35 3.84 10.65 -8.88
C LEU A 35 3.11 9.64 -9.77
N SER A 36 3.73 8.48 -9.97
CA SER A 36 3.19 7.47 -10.87
C SER A 36 1.80 6.99 -10.46
N SER A 37 1.47 7.12 -9.18
CA SER A 37 0.16 6.63 -8.74
C SER A 37 -0.93 7.68 -8.85
N VAL A 38 -0.63 8.89 -9.32
CA VAL A 38 -1.62 9.96 -9.43
C VAL A 38 -2.31 9.85 -10.79
N ARG A 39 -3.64 9.70 -10.79
CA ARG A 39 -4.41 9.71 -12.04
C ARG A 39 -5.30 10.95 -12.06
N VAL A 40 -5.37 11.56 -13.23
CA VAL A 40 -6.13 12.78 -13.44
C VAL A 40 -7.07 12.57 -14.61
N ILE A 41 -8.34 12.90 -14.41
CA ILE A 41 -9.34 12.90 -15.49
C ILE A 41 -9.84 14.32 -15.67
N ILE A 42 -9.70 14.83 -16.87
CA ILE A 42 -10.27 16.10 -17.27
C ILE A 42 -11.63 15.83 -17.92
N THR A 43 -12.65 16.51 -17.44
CA THR A 43 -13.96 16.52 -18.07
C THR A 43 -14.28 17.96 -18.44
N GLU A 44 -14.60 18.20 -19.70
CA GLU A 44 -14.98 19.52 -20.14
C GLU A 44 -16.48 19.73 -19.95
N LEU A 45 -16.85 20.93 -19.52
CA LEU A 45 -18.24 21.30 -19.30
C LEU A 45 -18.72 22.25 -20.39
N ALA A 46 -19.72 21.83 -21.15
CA ALA A 46 -20.44 22.74 -22.01
C ALA A 46 -21.14 23.79 -21.16
N LYS A 47 -21.14 25.04 -21.63
CA LYS A 47 -21.74 26.11 -20.81
C LYS A 47 -23.21 25.88 -20.53
N GLY A 48 -23.91 25.16 -21.42
CA GLY A 48 -25.29 24.77 -21.15
C GLY A 48 -25.45 23.63 -20.14
N HIS A 49 -24.36 23.02 -19.69
CA HIS A 49 -24.43 21.92 -18.74
C HIS A 49 -23.88 22.28 -17.36
N PHE A 50 -23.56 23.55 -17.13
CA PHE A 50 -22.94 24.01 -15.90
C PHE A 50 -23.83 25.10 -15.29
N GLY A 51 -24.35 24.84 -14.10
CA GLY A 51 -25.23 25.77 -13.42
C GLY A 51 -24.58 26.36 -12.17
N ILE A 52 -24.71 27.69 -12.03
CA ILE A 52 -24.34 28.42 -10.82
C ILE A 52 -25.56 29.18 -10.35
N GLY A 53 -26.00 28.88 -9.12
CA GLY A 53 -27.18 29.56 -8.60
C GLY A 53 -28.43 29.37 -9.44
N GLY A 54 -28.51 28.27 -10.19
CA GLY A 54 -29.67 28.04 -11.05
C GLY A 54 -29.57 28.66 -12.43
N GLU A 55 -28.46 29.31 -12.74
CA GLU A 55 -28.23 29.94 -14.03
C GLU A 55 -27.15 29.23 -14.81
N LEU A 56 -27.29 29.26 -16.12
CA LEU A 56 -26.23 28.74 -16.99
C LEU A 56 -24.97 29.55 -16.70
N ALA A 57 -23.81 28.88 -16.77
CA ALA A 57 -22.53 29.55 -16.48
C ALA A 57 -22.28 30.72 -17.41
N SER A 58 -22.76 30.64 -18.64
CA SER A 58 -22.53 31.71 -19.60
C SER A 58 -23.24 32.99 -19.19
N LYS A 59 -24.23 32.91 -18.31
CA LYS A 59 -24.99 34.08 -17.94
C LYS A 59 -24.54 34.69 -16.61
N VAL A 60 -23.56 34.08 -15.96
CA VAL A 60 -23.02 34.60 -14.70
C VAL A 60 -21.51 34.81 -14.81
N PRO A 61 -21.00 35.53 -15.85
CA PRO A 61 -19.53 35.61 -16.04
C PRO A 61 -18.77 36.46 -15.03
N ARG A 62 -19.26 37.68 -14.75
CA ARG A 62 -18.52 38.63 -13.93
C ARG A 62 -18.33 38.15 -12.49
N GLY A 63 -19.38 37.63 -11.87
CA GLY A 63 -19.33 37.42 -10.44
C GLY A 63 -19.58 36.01 -9.94
N GLY A 64 -20.06 35.12 -10.81
CA GLY A 64 -20.55 33.85 -10.29
C GLY A 64 -19.52 32.83 -9.88
N GLY A 65 -18.24 33.00 -10.20
CA GLY A 65 -17.32 32.01 -9.71
C GLY A 65 -17.14 30.81 -10.62
N ALA A 66 -17.76 30.81 -11.81
CA ALA A 66 -17.62 29.67 -12.71
C ALA A 66 -16.15 29.40 -12.99
N GLY A 67 -15.71 28.23 -12.57
CA GLY A 67 -14.32 27.87 -12.68
C GLY A 67 -14.14 26.39 -12.48
N PRO A 68 -12.89 25.92 -12.51
CA PRO A 68 -12.64 24.49 -12.36
C PRO A 68 -13.19 23.95 -11.04
N ILE A 69 -13.69 22.72 -11.09
CA ILE A 69 -14.20 21.99 -9.93
C ILE A 69 -13.48 20.65 -9.92
N ALA A 70 -12.76 20.37 -8.84
CA ALA A 70 -11.97 19.17 -8.75
C ALA A 70 -12.43 18.34 -7.55
N GLN A 71 -12.59 17.04 -7.78
CA GLN A 71 -12.80 16.07 -6.72
C GLN A 71 -11.56 15.18 -6.68
N ILE A 72 -10.91 15.11 -5.54
CA ILE A 72 -9.67 14.36 -5.37
C ILE A 72 -9.97 13.22 -4.41
N HIS A 73 -9.84 11.99 -4.91
CA HIS A 73 -10.00 10.80 -4.08
C HIS A 73 -8.63 10.44 -3.51
N ILE A 74 -8.52 10.39 -2.19
CA ILE A 74 -7.29 10.01 -1.52
C ILE A 74 -7.62 8.91 -0.53
N LEU A 75 -6.59 8.15 -0.17
CA LEU A 75 -6.71 7.17 0.90
C LEU A 75 -6.78 7.85 2.25
N GLU A 76 -7.43 7.18 3.19
CA GLU A 76 -7.45 7.62 4.58
C GLU A 76 -6.05 7.71 5.18
N GLY A 77 -5.93 8.43 6.30
CA GLY A 77 -4.69 8.47 7.04
C GLY A 77 -3.92 9.78 6.99
N ARG A 78 -4.39 10.78 6.24
CA ARG A 78 -3.75 12.09 6.21
C ARG A 78 -4.36 13.00 7.27
N SER A 79 -3.53 13.91 7.77
CA SER A 79 -3.96 14.87 8.77
C SER A 79 -4.76 16.01 8.14
N GLY A 80 -5.43 16.78 8.98
CA GLY A 80 -6.13 17.96 8.49
C GLY A 80 -5.21 18.91 7.76
N GLU A 81 -3.97 19.07 8.24
CA GLU A 81 -3.03 20.01 7.64
C GLU A 81 -2.53 19.51 6.28
N GLN A 82 -2.23 18.22 6.16
CA GLN A 82 -1.82 17.69 4.86
C GLN A 82 -2.94 17.81 3.85
N LYS A 83 -4.19 17.57 4.26
CA LYS A 83 -5.28 17.73 3.32
C LYS A 83 -5.51 19.19 2.97
N GLU A 84 -5.26 20.11 3.91
CA GLU A 84 -5.34 21.53 3.58
C GLU A 84 -4.29 21.92 2.55
N THR A 85 -3.07 21.40 2.69
CA THR A 85 -2.02 21.66 1.70
C THR A 85 -2.39 21.08 0.35
N LEU A 86 -3.00 19.90 0.35
CA LEU A 86 -3.47 19.32 -0.90
C LEU A 86 -4.44 20.26 -1.60
N ILE A 87 -5.42 20.78 -0.87
CA ILE A 87 -6.42 21.64 -1.47
C ILE A 87 -5.79 22.90 -2.01
N ARG A 88 -4.89 23.52 -1.24
CA ARG A 88 -4.26 24.76 -1.65
C ARG A 88 -3.35 24.56 -2.86
N GLU A 89 -2.44 23.59 -2.79
CA GLU A 89 -1.44 23.45 -3.85
C GLU A 89 -2.05 22.89 -5.14
N ALA A 90 -3.07 22.03 -5.03
CA ALA A 90 -3.77 21.60 -6.24
C ALA A 90 -4.55 22.74 -6.87
N SER A 91 -5.16 23.60 -6.03
CA SER A 91 -5.90 24.75 -6.57
C SER A 91 -4.95 25.73 -7.25
N GLU A 92 -3.78 25.96 -6.66
CA GLU A 92 -2.79 26.84 -7.28
C GLU A 92 -2.30 26.25 -8.59
N ALA A 93 -2.10 24.92 -8.63
CA ALA A 93 -1.71 24.26 -9.87
C ALA A 93 -2.78 24.41 -10.94
N ILE A 94 -4.06 24.23 -10.57
CA ILE A 94 -5.13 24.38 -11.53
C ILE A 94 -5.20 25.82 -12.03
N SER A 95 -5.08 26.79 -11.11
CA SER A 95 -5.22 28.19 -11.49
C SER A 95 -4.18 28.60 -12.53
N ARG A 96 -2.90 28.38 -12.24
CA ARG A 96 -1.87 28.85 -13.19
C ARG A 96 -1.88 28.06 -14.49
N SER A 97 -2.25 26.79 -14.46
CA SER A 97 -2.26 26.00 -15.68
C SER A 97 -3.33 26.49 -16.65
N LEU A 98 -4.50 26.84 -16.14
CA LEU A 98 -5.62 27.25 -16.97
C LEU A 98 -5.76 28.76 -17.09
N ASP A 99 -4.86 29.52 -16.46
CA ASP A 99 -5.01 30.97 -16.34
C ASP A 99 -6.41 31.31 -15.86
N ALA A 100 -6.88 30.57 -14.85
CA ALA A 100 -8.18 30.82 -14.22
C ALA A 100 -7.97 31.49 -12.89
N PRO A 101 -8.78 32.51 -12.55
CA PRO A 101 -8.63 33.16 -11.25
C PRO A 101 -8.75 32.13 -10.14
N LEU A 102 -7.80 32.19 -9.21
CA LEU A 102 -7.75 31.22 -8.13
C LEU A 102 -9.07 31.18 -7.36
N LYS A 103 -9.71 32.33 -7.17
CA LYS A 103 -10.94 32.35 -6.38
C LYS A 103 -12.06 31.57 -7.02
N SER A 104 -11.96 31.25 -8.31
CA SER A 104 -12.99 30.48 -8.98
C SER A 104 -12.74 28.98 -8.92
N VAL A 105 -11.63 28.54 -8.33
CA VAL A 105 -11.26 27.13 -8.31
C VAL A 105 -11.83 26.50 -7.05
N ARG A 106 -12.58 25.42 -7.22
CA ARG A 106 -13.19 24.71 -6.10
C ARG A 106 -12.68 23.28 -6.07
N ILE A 107 -12.28 22.82 -4.89
CA ILE A 107 -11.76 21.47 -4.73
C ILE A 107 -12.42 20.83 -3.52
N PHE A 108 -12.85 19.57 -3.66
CA PHE A 108 -13.22 18.81 -2.48
C PHE A 108 -12.57 17.44 -2.50
N ILE A 109 -12.32 16.94 -1.29
CA ILE A 109 -11.60 15.70 -1.06
C ILE A 109 -12.61 14.66 -0.58
N THR A 110 -12.52 13.46 -1.13
CA THR A 110 -13.23 12.29 -0.63
C THR A 110 -12.19 11.28 -0.15
N GLU A 111 -12.31 10.87 1.10
CA GLU A 111 -11.40 9.87 1.66
C GLU A 111 -11.95 8.45 1.41
N ILE A 112 -11.07 7.57 0.96
CA ILE A 112 -11.36 6.16 0.78
C ILE A 112 -10.66 5.38 1.88
N ALA A 113 -11.41 4.49 2.55
CA ALA A 113 -10.78 3.54 3.47
C ALA A 113 -10.02 2.47 2.69
N LYS A 114 -8.91 2.00 3.27
CA LYS A 114 -8.06 1.02 2.60
C LYS A 114 -8.82 -0.23 2.18
N GLY A 115 -9.81 -0.67 2.97
CA GLY A 115 -10.64 -1.80 2.58
C GLY A 115 -11.65 -1.48 1.48
N HIS A 116 -11.74 -0.24 1.04
CA HIS A 116 -12.60 0.14 -0.06
C HIS A 116 -11.81 0.50 -1.31
N ALA A 117 -10.49 0.30 -1.30
CA ALA A 117 -9.65 0.68 -2.43
C ALA A 117 -9.00 -0.57 -3.00
N GLY A 118 -9.18 -0.76 -4.29
CA GLY A 118 -8.66 -1.93 -4.98
C GLY A 118 -7.74 -1.50 -6.09
N VAL A 119 -6.61 -2.18 -6.20
CA VAL A 119 -5.69 -2.05 -7.32
C VAL A 119 -5.43 -3.46 -7.82
N GLY A 120 -5.57 -3.68 -9.12
CA GLY A 120 -5.36 -5.00 -9.67
C GLY A 120 -6.23 -6.08 -9.06
N GLY A 121 -7.40 -5.72 -8.55
CA GLY A 121 -8.27 -6.68 -7.93
C GLY A 121 -7.97 -7.00 -6.49
N GLU A 122 -6.98 -6.35 -5.88
CA GLU A 122 -6.58 -6.63 -4.50
C GLU A 122 -6.78 -5.40 -3.63
N LEU A 123 -7.16 -5.64 -2.38
CA LEU A 123 -7.29 -4.56 -1.40
C LEU A 123 -5.92 -3.95 -1.11
N LEU A 124 -5.88 -2.63 -1.15
CA LEU A 124 -4.66 -1.90 -0.83
C LEU A 124 -4.17 -2.24 0.56
N SER A 125 -5.08 -2.40 1.51
CA SER A 125 -4.70 -2.73 2.88
C SER A 125 -4.00 -4.09 2.98
N LYS A 126 -4.09 -4.92 1.95
CA LYS A 126 -3.44 -6.24 2.01
C LYS A 126 -2.20 -6.35 1.15
N VAL A 127 -2.14 -5.66 0.01
CA VAL A 127 -0.90 -5.66 -0.78
C VAL A 127 0.16 -4.81 -0.10
N LEU A 128 -0.25 -3.77 0.63
CA LEU A 128 0.70 -2.90 1.32
C LEU A 128 1.63 -3.69 2.23
N ARG A 129 1.13 -4.76 2.82
CA ARG A 129 1.84 -5.41 3.89
C ARG A 129 3.00 -6.22 3.31
N PRO B 1 -23.17 23.58 -2.20
CA PRO B 1 -23.32 22.17 -2.60
C PRO B 1 -23.17 21.98 -4.10
N ILE B 2 -22.79 20.78 -4.53
CA ILE B 2 -22.54 20.49 -5.93
C ILE B 2 -23.37 19.27 -6.31
N ALA B 3 -24.16 19.39 -7.37
CA ALA B 3 -24.96 18.29 -7.86
C ALA B 3 -24.38 17.84 -9.20
N GLN B 4 -24.02 16.55 -9.28
CA GLN B 4 -23.64 15.94 -10.54
CA GLN B 4 -23.65 15.94 -10.56
C GLN B 4 -24.82 15.07 -10.97
N ILE B 5 -25.47 15.45 -12.06
CA ILE B 5 -26.71 14.82 -12.50
C ILE B 5 -26.47 14.18 -13.85
N HIS B 6 -26.48 12.84 -13.89
CA HIS B 6 -26.42 12.11 -15.14
C HIS B 6 -27.84 11.94 -15.70
N ILE B 7 -28.03 12.41 -16.93
CA ILE B 7 -29.32 12.34 -17.61
C ILE B 7 -29.08 11.69 -18.96
N LEU B 8 -30.14 11.15 -19.53
CA LEU B 8 -30.06 10.53 -20.85
C LEU B 8 -29.97 11.59 -21.93
N GLU B 9 -29.38 11.21 -23.06
CA GLU B 9 -29.35 12.06 -24.23
C GLU B 9 -30.78 12.36 -24.70
N GLY B 10 -30.90 13.43 -25.48
CA GLY B 10 -32.16 13.75 -26.10
C GLY B 10 -32.98 14.80 -25.39
N HIS B 11 -32.49 15.37 -24.30
CA HIS B 11 -33.21 16.44 -23.66
C HIS B 11 -32.89 17.77 -24.33
N SER B 12 -33.90 18.65 -24.33
CA SER B 12 -33.76 19.96 -24.94
C SER B 12 -32.87 20.86 -24.08
N ASP B 13 -32.38 21.93 -24.70
CA ASP B 13 -31.65 22.94 -23.95
C ASP B 13 -32.53 23.62 -22.91
N GLU B 14 -33.82 23.84 -23.22
CA GLU B 14 -34.70 24.45 -22.23
C GLU B 14 -34.96 23.50 -21.06
N GLN B 15 -35.13 22.21 -21.32
CA GLN B 15 -35.29 21.27 -20.22
C GLN B 15 -34.05 21.28 -19.34
N LYS B 16 -32.87 21.36 -19.95
CA LYS B 16 -31.63 21.39 -19.19
C LYS B 16 -31.52 22.69 -18.39
N GLU B 17 -31.95 23.81 -18.99
CA GLU B 17 -31.95 25.07 -18.27
C GLU B 17 -32.95 25.05 -17.12
N THR B 18 -34.14 24.50 -17.34
CA THR B 18 -35.12 24.38 -16.28
C THR B 18 -34.66 23.43 -15.17
N LEU B 19 -34.00 22.33 -15.55
CA LEU B 19 -33.47 21.41 -14.55
C LEU B 19 -32.47 22.12 -13.65
N ILE B 20 -31.56 22.89 -14.24
CA ILE B 20 -30.54 23.57 -13.45
C ILE B 20 -31.20 24.56 -12.50
N ARG B 21 -32.22 25.26 -12.96
CA ARG B 21 -32.89 26.25 -12.12
C ARG B 21 -33.72 25.56 -11.03
N ASP B 22 -34.56 24.60 -11.40
CA ASP B 22 -35.45 23.99 -10.43
C ASP B 22 -34.69 23.16 -9.38
N VAL B 23 -33.69 22.38 -9.80
CA VAL B 23 -32.97 21.56 -8.82
C VAL B 23 -32.11 22.43 -7.92
N SER B 24 -31.55 23.53 -8.43
CA SER B 24 -30.70 24.39 -7.61
C SER B 24 -31.49 25.07 -6.51
N GLU B 25 -32.70 25.53 -6.83
CA GLU B 25 -33.53 26.15 -5.81
C GLU B 25 -33.98 25.12 -4.78
N ALA B 26 -34.31 23.90 -5.22
CA ALA B 26 -34.66 22.85 -4.25
C ALA B 26 -33.49 22.51 -3.35
N ILE B 27 -32.29 22.41 -3.92
CA ILE B 27 -31.10 22.13 -3.13
C ILE B 27 -30.83 23.28 -2.16
N SER B 28 -31.00 24.52 -2.63
CA SER B 28 -30.78 25.68 -1.77
C SER B 28 -31.72 25.65 -0.56
N ARG B 29 -33.02 25.47 -0.81
CA ARG B 29 -33.99 25.47 0.29
C ARG B 29 -33.70 24.37 1.31
N SER B 30 -33.31 23.17 0.84
CA SER B 30 -33.18 22.02 1.73
C SER B 30 -31.81 21.92 2.38
N ASP B 31 -30.78 22.47 1.77
CA ASP B 31 -29.44 22.46 2.36
C ASP B 31 -29.18 23.70 3.22
N ASP B 32 -30.12 24.64 3.28
CA ASP B 32 -29.91 25.94 3.93
C ASP B 32 -28.64 26.59 3.40
N ALA B 33 -28.52 26.63 2.08
CA ALA B 33 -27.35 27.18 1.40
C ALA B 33 -27.75 28.37 0.54
N THR B 34 -26.83 29.31 0.39
CA THR B 34 -27.07 30.42 -0.50
C THR B 34 -27.24 29.89 -1.92
N LEU B 35 -28.23 30.43 -2.63
CA LEU B 35 -28.48 29.98 -3.99
C LEU B 35 -27.23 30.09 -4.85
N SER B 36 -26.50 31.20 -4.72
CA SER B 36 -25.31 31.43 -5.54
C SER B 36 -24.26 30.35 -5.34
N SER B 37 -24.26 29.65 -4.21
CA SER B 37 -23.27 28.62 -3.92
C SER B 37 -23.67 27.23 -4.41
N VAL B 38 -24.84 27.08 -5.01
CA VAL B 38 -25.28 25.78 -5.54
C VAL B 38 -24.75 25.64 -6.96
N ARG B 39 -24.04 24.56 -7.21
CA ARG B 39 -23.51 24.25 -8.53
C ARG B 39 -24.10 22.95 -9.05
N VAL B 40 -24.45 22.94 -10.34
CA VAL B 40 -25.03 21.78 -10.99
C VAL B 40 -24.20 21.44 -12.22
N ILE B 41 -23.78 20.19 -12.32
CA ILE B 41 -23.08 19.66 -13.49
C ILE B 41 -24.01 18.65 -14.13
N ILE B 42 -24.40 18.89 -15.38
CA ILE B 42 -25.18 17.93 -16.14
C ILE B 42 -24.24 17.10 -17.00
N THR B 43 -24.36 15.78 -16.89
CA THR B 43 -23.65 14.84 -17.73
C THR B 43 -24.66 14.00 -18.51
N GLU B 44 -24.51 13.98 -19.83
CA GLU B 44 -25.40 13.17 -20.66
C GLU B 44 -24.84 11.77 -20.84
N LEU B 45 -25.71 10.78 -20.76
CA LEU B 45 -25.36 9.37 -20.93
C LEU B 45 -25.99 8.83 -22.20
N ALA B 46 -25.15 8.36 -23.13
CA ALA B 46 -25.65 7.57 -24.24
C ALA B 46 -26.25 6.28 -23.72
N LYS B 47 -27.39 5.88 -24.29
CA LYS B 47 -28.06 4.67 -23.82
C LYS B 47 -27.23 3.41 -24.04
N GLY B 48 -26.28 3.44 -24.99
CA GLY B 48 -25.35 2.34 -25.10
C GLY B 48 -24.31 2.29 -23.99
N HIS B 49 -24.29 3.31 -23.13
CA HIS B 49 -23.36 3.37 -22.01
C HIS B 49 -24.05 3.22 -20.66
N PHE B 50 -25.34 2.87 -20.65
CA PHE B 50 -26.14 2.81 -19.42
C PHE B 50 -26.69 1.42 -19.26
N GLY B 51 -26.29 0.74 -18.18
CA GLY B 51 -26.71 -0.63 -17.93
C GLY B 51 -27.70 -0.69 -16.77
N ILE B 52 -28.79 -1.42 -17.01
CA ILE B 52 -29.77 -1.75 -15.99
C ILE B 52 -29.88 -3.26 -15.97
N GLY B 53 -29.58 -3.86 -14.82
CA GLY B 53 -29.58 -5.31 -14.72
C GLY B 53 -28.62 -6.01 -15.65
N GLY B 54 -27.59 -5.32 -16.11
CA GLY B 54 -26.64 -5.88 -17.06
C GLY B 54 -27.04 -5.71 -18.51
N GLU B 55 -28.20 -5.12 -18.78
CA GLU B 55 -28.68 -4.93 -20.13
C GLU B 55 -28.61 -3.45 -20.48
N LEU B 56 -28.26 -3.14 -21.73
CA LEU B 56 -28.20 -1.75 -22.15
C LEU B 56 -29.58 -1.11 -22.12
N ALA B 57 -29.61 0.16 -21.72
CA ALA B 57 -30.87 0.90 -21.74
C ALA B 57 -31.44 0.97 -23.15
N SER B 58 -30.57 1.04 -24.16
CA SER B 58 -31.03 1.10 -25.55
C SER B 58 -31.64 -0.21 -26.02
N LYS B 59 -31.37 -1.33 -25.36
CA LYS B 59 -31.87 -2.65 -25.77
C LYS B 59 -33.11 -3.07 -24.98
N VAL B 60 -33.54 -2.25 -24.04
CA VAL B 60 -34.73 -2.50 -23.23
C VAL B 60 -35.69 -1.33 -23.48
N PRO B 61 -36.94 -1.58 -23.83
CA PRO B 61 -37.83 -0.45 -24.15
C PRO B 61 -38.00 0.45 -22.95
N ARG B 62 -38.15 1.75 -23.22
CA ARG B 62 -38.22 2.73 -22.15
C ARG B 62 -39.43 2.47 -21.26
N GLY B 63 -39.27 2.79 -19.97
CA GLY B 63 -40.01 2.17 -18.90
C GLY B 63 -39.23 1.11 -18.16
N GLY B 64 -38.08 0.71 -18.70
CA GLY B 64 -37.21 -0.29 -18.12
C GLY B 64 -36.48 0.16 -16.87
N GLY B 65 -36.60 1.43 -16.50
CA GLY B 65 -35.95 1.95 -15.31
C GLY B 65 -34.77 2.85 -15.58
N ALA B 66 -34.36 3.01 -16.84
CA ALA B 66 -33.33 3.98 -17.18
C ALA B 66 -33.84 5.38 -16.92
N GLY B 67 -33.16 6.11 -16.04
CA GLY B 67 -33.58 7.43 -15.66
C GLY B 67 -32.45 8.20 -15.02
N PRO B 68 -32.72 9.44 -14.64
CA PRO B 68 -31.66 10.29 -14.08
C PRO B 68 -31.02 9.70 -12.84
N ILE B 69 -29.72 9.93 -12.71
CA ILE B 69 -28.96 9.57 -11.52
C ILE B 69 -28.22 10.81 -11.07
N ALA B 70 -28.45 11.24 -9.84
CA ALA B 70 -27.85 12.45 -9.32
C ALA B 70 -27.02 12.10 -8.10
N GLN B 71 -25.82 12.65 -8.03
CA GLN B 71 -25.02 12.64 -6.82
C GLN B 71 -24.92 14.06 -6.31
N ILE B 72 -25.29 14.27 -5.06
CA ILE B 72 -25.27 15.59 -4.46
C ILE B 72 -24.23 15.61 -3.35
N HIS B 73 -23.23 16.45 -3.50
CA HIS B 73 -22.22 16.68 -2.49
C HIS B 73 -22.67 17.85 -1.61
N ILE B 74 -22.84 17.59 -0.32
CA ILE B 74 -23.18 18.64 0.65
C ILE B 74 -22.20 18.54 1.81
N LEU B 75 -22.04 19.65 2.52
CA LEU B 75 -21.22 19.69 3.71
C LEU B 75 -21.89 18.94 4.86
N GLU B 76 -21.07 18.39 5.75
CA GLU B 76 -21.61 17.77 6.94
C GLU B 76 -22.40 18.79 7.75
N GLY B 77 -23.24 18.29 8.65
CA GLY B 77 -23.99 19.12 9.57
C GLY B 77 -25.48 19.19 9.33
N ARG B 78 -26.00 18.56 8.29
CA ARG B 78 -27.44 18.47 8.11
C ARG B 78 -27.98 17.21 8.76
N SER B 79 -29.21 17.30 9.25
CA SER B 79 -29.84 16.18 9.92
C SER B 79 -30.36 15.17 8.89
N GLY B 80 -30.69 13.97 9.36
CA GLY B 80 -31.30 12.97 8.49
C GLY B 80 -32.57 13.46 7.84
N GLU B 81 -33.36 14.24 8.57
CA GLU B 81 -34.65 14.74 8.09
C GLU B 81 -34.46 15.79 7.01
N GLN B 82 -33.49 16.68 7.21
CA GLN B 82 -33.17 17.67 6.18
C GLN B 82 -32.62 17.01 4.93
N LYS B 83 -31.84 15.93 5.09
CA LYS B 83 -31.32 15.22 3.93
C LYS B 83 -32.43 14.50 3.19
N GLU B 84 -33.42 13.94 3.91
CA GLU B 84 -34.56 13.33 3.24
C GLU B 84 -35.36 14.35 2.46
N THR B 85 -35.51 15.56 3.02
CA THR B 85 -36.19 16.63 2.28
C THR B 85 -35.38 16.99 1.04
N LEU B 86 -34.06 17.09 1.16
CA LEU B 86 -33.21 17.36 0.00
C LEU B 86 -33.41 16.30 -1.09
N ILE B 87 -33.43 15.03 -0.69
CA ILE B 87 -33.56 13.96 -1.67
C ILE B 87 -34.92 14.01 -2.34
N ARG B 88 -35.99 14.22 -1.57
CA ARG B 88 -37.32 14.21 -2.16
C ARG B 88 -37.53 15.39 -3.10
N GLU B 89 -37.18 16.59 -2.65
CA GLU B 89 -37.50 17.78 -3.43
C GLU B 89 -36.59 17.91 -4.65
N ALA B 90 -35.32 17.53 -4.53
CA ALA B 90 -34.45 17.53 -5.70
C ALA B 90 -34.90 16.48 -6.72
N SER B 91 -35.35 15.31 -6.23
CA SER B 91 -35.85 14.27 -7.13
C SER B 91 -37.09 14.72 -7.87
N GLU B 92 -38.00 15.41 -7.18
CA GLU B 92 -39.18 15.93 -7.84
C GLU B 92 -38.80 16.98 -8.87
N ALA B 93 -37.82 17.84 -8.53
CA ALA B 93 -37.35 18.85 -9.47
C ALA B 93 -36.76 18.20 -10.71
N ILE B 94 -35.97 17.13 -10.53
CA ILE B 94 -35.41 16.42 -11.68
C ILE B 94 -36.53 15.83 -12.52
N SER B 95 -37.49 15.17 -11.86
CA SER B 95 -38.58 14.52 -12.57
C SER B 95 -39.41 15.53 -13.37
N ARG B 96 -39.85 16.62 -12.73
CA ARG B 96 -40.71 17.57 -13.44
C ARG B 96 -39.94 18.31 -14.54
N SER B 97 -38.66 18.55 -14.34
CA SER B 97 -37.86 19.29 -15.32
C SER B 97 -37.62 18.48 -16.58
N LEU B 98 -37.33 17.19 -16.44
CA LEU B 98 -36.96 16.38 -17.58
C LEU B 98 -38.14 15.62 -18.15
N ASP B 99 -39.33 15.82 -17.56
CA ASP B 99 -40.50 15.02 -17.90
C ASP B 99 -40.15 13.54 -17.83
N ALA B 100 -39.41 13.16 -16.78
CA ALA B 100 -38.98 11.82 -16.44
C ALA B 100 -39.82 11.27 -15.29
N PRO B 101 -40.25 10.01 -15.42
CA PRO B 101 -41.00 9.37 -14.34
C PRO B 101 -40.21 9.42 -13.03
N LEU B 102 -40.89 9.86 -11.97
CA LEU B 102 -40.23 9.99 -10.68
C LEU B 102 -39.62 8.68 -10.23
N LYS B 103 -40.31 7.56 -10.50
CA LYS B 103 -39.86 6.25 -10.05
C LYS B 103 -38.53 5.86 -10.68
N SER B 104 -38.13 6.52 -11.76
CA SER B 104 -36.87 6.26 -12.44
C SER B 104 -35.71 7.15 -11.96
N VAL B 105 -35.97 8.08 -11.04
CA VAL B 105 -34.97 9.06 -10.59
C VAL B 105 -34.24 8.54 -9.36
N ARG B 106 -32.91 8.49 -9.43
CA ARG B 106 -32.07 8.09 -8.31
C ARG B 106 -31.17 9.23 -7.89
N ILE B 107 -31.15 9.49 -6.58
CA ILE B 107 -30.30 10.49 -5.97
C ILE B 107 -29.60 9.88 -4.78
N PHE B 108 -28.31 10.13 -4.66
CA PHE B 108 -27.64 9.87 -3.41
C PHE B 108 -26.82 11.07 -2.96
N ILE B 109 -26.64 11.17 -1.65
CA ILE B 109 -25.94 12.28 -1.01
C ILE B 109 -24.58 11.76 -0.57
N THR B 110 -23.53 12.52 -0.88
CA THR B 110 -22.20 12.33 -0.32
C THR B 110 -21.88 13.56 0.51
N GLU B 111 -21.57 13.35 1.78
CA GLU B 111 -21.22 14.42 2.69
C GLU B 111 -19.74 14.72 2.62
N ILE B 112 -19.41 16.00 2.62
CA ILE B 112 -18.03 16.46 2.65
C ILE B 112 -17.76 16.88 4.09
N ALA B 113 -16.73 16.29 4.69
CA ALA B 113 -16.32 16.70 6.02
C ALA B 113 -15.70 18.09 5.96
N LYS B 114 -15.93 18.88 7.01
CA LYS B 114 -15.29 20.19 7.02
C LYS B 114 -13.78 20.01 6.95
N GLY B 115 -13.12 20.93 6.28
CA GLY B 115 -11.70 20.77 6.06
C GLY B 115 -11.38 19.97 4.83
N HIS B 116 -12.40 19.43 4.15
CA HIS B 116 -12.23 18.72 2.88
C HIS B 116 -12.78 19.49 1.69
N ALA B 117 -13.24 20.73 1.89
CA ALA B 117 -13.80 21.54 0.82
C ALA B 117 -13.03 22.83 0.70
N GLY B 118 -12.59 23.14 -0.50
CA GLY B 118 -11.78 24.32 -0.74
C GLY B 118 -12.35 25.21 -1.83
N VAL B 119 -12.22 26.51 -1.62
CA VAL B 119 -12.47 27.55 -2.62
C VAL B 119 -11.24 28.43 -2.63
N GLY B 120 -10.74 28.75 -3.82
CA GLY B 120 -9.53 29.57 -3.92
C GLY B 120 -8.32 29.00 -3.20
N GLY B 121 -8.26 27.69 -3.03
CA GLY B 121 -7.14 27.11 -2.34
C GLY B 121 -7.21 27.16 -0.83
N GLU B 122 -8.33 27.64 -0.28
CA GLU B 122 -8.48 27.78 1.15
C GLU B 122 -9.66 26.94 1.62
N LEU B 123 -9.53 26.37 2.80
CA LEU B 123 -10.61 25.56 3.35
C LEU B 123 -11.85 26.42 3.59
N LEU B 124 -13.01 25.86 3.24
CA LEU B 124 -14.27 26.51 3.56
C LEU B 124 -14.41 26.78 5.05
N SER B 125 -13.95 25.82 5.88
CA SER B 125 -14.02 25.96 7.32
C SER B 125 -13.11 27.08 7.86
N LYS B 126 -12.16 27.59 7.07
CA LYS B 126 -11.26 28.64 7.52
C LYS B 126 -11.56 30.00 6.91
N VAL B 127 -11.96 30.04 5.63
CA VAL B 127 -12.51 31.28 5.07
C VAL B 127 -13.77 31.70 5.80
N LEU B 128 -14.43 30.74 6.47
CA LEU B 128 -15.68 31.02 7.17
C LEU B 128 -15.50 31.92 8.39
N ARG B 129 -14.32 31.97 8.99
CA ARG B 129 -14.15 32.57 10.30
C ARG B 129 -13.88 34.09 10.29
N PRO C 1 -8.45 1.78 -16.25
CA PRO C 1 -9.86 2.07 -15.96
C PRO C 1 -10.15 2.18 -14.46
N ILE C 2 -11.17 2.96 -14.14
CA ILE C 2 -11.51 3.30 -12.77
C ILE C 2 -12.98 3.01 -12.55
N ALA C 3 -13.28 2.22 -11.53
CA ALA C 3 -14.66 1.88 -11.20
C ALA C 3 -15.00 2.49 -9.86
N GLN C 4 -15.98 3.39 -9.86
CA GLN C 4 -16.57 3.89 -8.63
C GLN C 4 -17.86 3.13 -8.41
N ILE C 5 -17.88 2.29 -7.39
CA ILE C 5 -19.04 1.45 -7.12
C ILE C 5 -19.68 1.95 -5.83
N HIS C 6 -20.88 2.52 -5.97
CA HIS C 6 -21.67 2.92 -4.81
C HIS C 6 -22.54 1.74 -4.43
N ILE C 7 -22.39 1.26 -3.20
CA ILE C 7 -23.15 0.13 -2.70
C ILE C 7 -23.79 0.54 -1.38
N LEU C 8 -24.83 -0.18 -1.00
CA LEU C 8 -25.48 0.05 0.27
C LEU C 8 -24.63 -0.53 1.41
N GLU C 9 -24.77 0.09 2.58
CA GLU C 9 -24.14 -0.40 3.80
C GLU C 9 -24.61 -1.81 4.11
N GLY C 10 -23.82 -2.49 4.95
CA GLY C 10 -24.18 -3.79 5.47
C GLY C 10 -23.55 -4.96 4.76
N HIS C 11 -22.70 -4.73 3.77
CA HIS C 11 -22.02 -5.84 3.15
C HIS C 11 -20.78 -6.21 3.96
N SER C 12 -20.48 -7.50 3.96
CA SER C 12 -19.32 -7.96 4.72
C SER C 12 -18.05 -7.54 4.01
N ASP C 13 -16.96 -7.53 4.77
CA ASP C 13 -15.64 -7.23 4.22
C ASP C 13 -15.21 -8.25 3.18
N GLU C 14 -15.61 -9.51 3.34
CA GLU C 14 -15.28 -10.51 2.34
C GLU C 14 -16.09 -10.29 1.06
N GLN C 15 -17.37 -9.87 1.20
CA GLN C 15 -18.12 -9.50 0.02
C GLN C 15 -17.47 -8.32 -0.70
N LYS C 16 -16.95 -7.35 0.07
CA LYS C 16 -16.30 -6.19 -0.55
C LYS C 16 -15.03 -6.59 -1.27
N GLU C 17 -14.25 -7.48 -0.67
CA GLU C 17 -13.03 -7.96 -1.30
C GLU C 17 -13.33 -8.74 -2.57
N THR C 18 -14.32 -9.64 -2.50
CA THR C 18 -14.72 -10.42 -3.67
C THR C 18 -15.29 -9.52 -4.77
N LEU C 19 -16.05 -8.49 -4.39
CA LEU C 19 -16.52 -7.52 -5.37
C LEU C 19 -15.35 -6.88 -6.09
N ILE C 20 -14.36 -6.41 -5.34
CA ILE C 20 -13.23 -5.71 -5.93
C ILE C 20 -12.46 -6.62 -6.87
N ARG C 21 -12.24 -7.86 -6.46
CA ARG C 21 -11.52 -8.80 -7.31
C ARG C 21 -12.34 -9.20 -8.53
N ASP C 22 -13.61 -9.58 -8.33
CA ASP C 22 -14.41 -10.07 -9.45
C ASP C 22 -14.68 -8.99 -10.48
N VAL C 23 -14.99 -7.77 -10.03
CA VAL C 23 -15.28 -6.69 -10.97
C VAL C 23 -14.02 -6.26 -11.71
N SER C 24 -12.88 -6.27 -11.02
CA SER C 24 -11.63 -5.87 -11.65
C SER C 24 -11.23 -6.83 -12.74
N GLU C 25 -11.43 -8.13 -12.52
CA GLU C 25 -11.21 -9.10 -13.59
C GLU C 25 -12.22 -8.93 -14.72
N ALA C 26 -13.48 -8.67 -14.38
CA ALA C 26 -14.49 -8.46 -15.41
C ALA C 26 -14.14 -7.23 -16.25
N ILE C 27 -13.69 -6.14 -15.60
CA ILE C 27 -13.28 -4.95 -16.34
C ILE C 27 -12.03 -5.22 -17.16
N SER C 28 -11.05 -5.89 -16.56
CA SER C 28 -9.79 -6.18 -17.25
C SER C 28 -10.01 -6.98 -18.53
N ARG C 29 -10.77 -8.07 -18.46
CA ARG C 29 -11.00 -8.86 -19.67
C ARG C 29 -11.76 -8.06 -20.72
N SER C 30 -12.79 -7.31 -20.32
CA SER C 30 -13.71 -6.70 -21.27
C SER C 30 -13.21 -5.38 -21.84
N ASP C 31 -12.39 -4.66 -21.08
CA ASP C 31 -11.79 -3.41 -21.53
C ASP C 31 -10.43 -3.62 -22.20
N ASP C 32 -9.96 -4.87 -22.24
CA ASP C 32 -8.63 -5.19 -22.73
C ASP C 32 -7.59 -4.32 -22.02
N ALA C 33 -7.68 -4.29 -20.69
CA ALA C 33 -6.76 -3.52 -19.87
C ALA C 33 -6.01 -4.45 -18.92
N THR C 34 -4.77 -4.08 -18.62
CA THR C 34 -3.99 -4.84 -17.65
C THR C 34 -4.69 -4.79 -16.30
N LEU C 35 -4.68 -5.94 -15.60
CA LEU C 35 -5.33 -6.01 -14.29
C LEU C 35 -4.78 -4.97 -13.34
N SER C 36 -3.46 -4.78 -13.33
CA SER C 36 -2.86 -3.81 -12.42
C SER C 36 -3.38 -2.40 -12.66
N SER C 37 -3.87 -2.11 -13.87
CA SER C 37 -4.37 -0.78 -14.20
C SER C 37 -5.85 -0.60 -13.85
N VAL C 38 -6.51 -1.61 -13.32
CA VAL C 38 -7.92 -1.49 -12.92
C VAL C 38 -7.97 -1.01 -11.47
N ARG C 39 -8.60 0.13 -11.25
CA ARG C 39 -8.74 0.70 -9.93
C ARG C 39 -10.21 0.67 -9.54
N VAL C 40 -10.49 0.26 -8.32
CA VAL C 40 -11.86 0.20 -7.83
C VAL C 40 -11.97 1.01 -6.55
N ILE C 41 -12.98 1.86 -6.49
CA ILE C 41 -13.31 2.63 -5.31
C ILE C 41 -14.69 2.19 -4.86
N ILE C 42 -14.78 1.67 -3.65
CA ILE C 42 -16.08 1.40 -3.06
C ILE C 42 -16.46 2.60 -2.20
N THR C 43 -17.67 3.11 -2.40
CA THR C 43 -18.27 4.09 -1.53
C THR C 43 -19.51 3.46 -0.93
N GLU C 44 -19.61 3.48 0.39
CA GLU C 44 -20.81 2.97 1.03
C GLU C 44 -21.82 4.09 1.17
N LEU C 45 -23.08 3.79 0.84
CA LEU C 45 -24.17 4.74 0.89
C LEU C 45 -25.07 4.35 2.05
N ALA C 46 -25.19 5.23 3.03
CA ALA C 46 -26.20 5.03 4.06
C ALA C 46 -27.57 5.03 3.41
N LYS C 47 -28.44 4.13 3.87
CA LYS C 47 -29.77 4.03 3.29
C LYS C 47 -30.56 5.32 3.46
N GLY C 48 -30.24 6.13 4.46
CA GLY C 48 -30.80 7.46 4.58
C GLY C 48 -30.23 8.46 3.57
N HIS C 49 -29.22 8.07 2.78
CA HIS C 49 -28.64 8.94 1.77
C HIS C 49 -28.93 8.49 0.36
N PHE C 50 -29.80 7.50 0.17
CA PHE C 50 -30.06 6.92 -1.13
C PHE C 50 -31.54 7.09 -1.43
N GLY C 51 -31.87 7.81 -2.50
CA GLY C 51 -33.24 8.07 -2.88
C GLY C 51 -33.61 7.31 -4.17
N ILE C 52 -34.79 6.70 -4.13
CA ILE C 52 -35.41 6.14 -5.32
C ILE C 52 -36.79 6.76 -5.43
N GLY C 53 -37.03 7.45 -6.54
CA GLY C 53 -38.31 8.11 -6.69
C GLY C 53 -38.61 9.13 -5.62
N GLY C 54 -37.57 9.70 -5.01
CA GLY C 54 -37.77 10.66 -3.95
C GLY C 54 -37.97 10.08 -2.57
N GLU C 55 -37.96 8.76 -2.43
CA GLU C 55 -38.13 8.11 -1.14
C GLU C 55 -36.80 7.49 -0.72
N LEU C 56 -36.52 7.56 0.58
CA LEU C 56 -35.28 6.99 1.11
C LEU C 56 -35.26 5.46 0.92
N ALA C 57 -34.08 4.95 0.61
CA ALA C 57 -33.94 3.49 0.50
C ALA C 57 -34.26 2.81 1.82
N SER C 58 -34.01 3.50 2.94
CA SER C 58 -34.31 2.94 4.26
C SER C 58 -35.80 2.83 4.53
N LYS C 59 -36.63 3.59 3.80
CA LYS C 59 -38.08 3.57 4.04
C LYS C 59 -38.84 2.74 3.01
N VAL C 60 -38.15 2.16 2.05
CA VAL C 60 -38.78 1.34 1.03
C VAL C 60 -38.32 -0.09 1.28
N PRO C 61 -39.17 -1.09 1.07
CA PRO C 61 -38.73 -2.45 1.37
C PRO C 61 -37.63 -2.86 0.41
N ARG C 62 -37.05 -4.04 0.60
CA ARG C 62 -36.04 -4.54 -0.33
C ARG C 62 -36.71 -4.82 -1.67
N GLY C 63 -35.91 -4.76 -2.74
CA GLY C 63 -36.37 -4.78 -4.13
C GLY C 63 -37.15 -3.53 -4.50
N GLY C 64 -37.21 -2.54 -3.61
CA GLY C 64 -37.79 -1.27 -3.98
C GLY C 64 -37.05 -0.57 -5.10
N GLY C 65 -35.91 -1.12 -5.52
CA GLY C 65 -35.08 -0.55 -6.56
C GLY C 65 -33.77 -0.01 -6.06
N ALA C 66 -33.56 0.03 -4.75
CA ALA C 66 -32.26 0.38 -4.20
C ALA C 66 -31.25 -0.70 -4.56
N GLY C 67 -30.17 -0.32 -5.24
CA GLY C 67 -29.16 -1.27 -5.63
C GLY C 67 -27.85 -0.62 -5.99
N PRO C 68 -26.83 -1.43 -6.27
CA PRO C 68 -25.51 -0.88 -6.57
C PRO C 68 -25.55 0.02 -7.79
N ILE C 69 -24.75 1.09 -7.74
CA ILE C 69 -24.59 2.01 -8.86
C ILE C 69 -23.11 2.12 -9.14
N ALA C 70 -22.70 1.80 -10.36
CA ALA C 70 -21.29 1.80 -10.70
C ALA C 70 -21.06 2.75 -11.87
N GLN C 71 -20.02 3.57 -11.75
CA GLN C 71 -19.53 4.38 -12.86
C GLN C 71 -18.14 3.89 -13.20
N ILE C 72 -17.93 3.53 -14.47
CA ILE C 72 -16.65 3.00 -14.92
C ILE C 72 -16.09 3.97 -15.95
N HIS C 73 -14.94 4.55 -15.64
CA HIS C 73 -14.24 5.43 -16.57
C HIS C 73 -13.28 4.58 -17.38
N ILE C 74 -13.43 4.59 -18.70
CA ILE C 74 -12.52 3.88 -19.58
C ILE C 74 -12.07 4.84 -20.67
N LEU C 75 -10.95 4.50 -21.29
CA LEU C 75 -10.46 5.26 -22.42
C LEU C 75 -11.36 5.03 -23.63
N GLU C 76 -11.43 6.04 -24.50
CA GLU C 76 -12.15 5.88 -25.74
C GLU C 76 -11.57 4.70 -26.54
N GLY C 77 -12.35 4.24 -27.52
CA GLY C 77 -11.87 3.24 -28.46
C GLY C 77 -12.45 1.85 -28.34
N ARG C 78 -13.31 1.56 -27.38
CA ARG C 78 -13.98 0.27 -27.33
C ARG C 78 -15.26 0.32 -28.13
N SER C 79 -15.64 -0.81 -28.70
CA SER C 79 -16.86 -0.94 -29.49
C SER C 79 -18.09 -1.07 -28.60
N GLY C 80 -19.25 -0.86 -29.20
CA GLY C 80 -20.50 -1.07 -28.48
C GLY C 80 -20.63 -2.46 -27.91
N GLU C 81 -20.16 -3.46 -28.66
CA GLU C 81 -20.28 -4.83 -28.20
C GLU C 81 -19.32 -5.07 -27.03
N GLN C 82 -18.10 -4.52 -27.12
CA GLN C 82 -17.18 -4.65 -25.99
C GLN C 82 -17.71 -3.91 -24.76
N LYS C 83 -18.30 -2.73 -24.95
CA LYS C 83 -18.85 -2.00 -23.83
C LYS C 83 -20.09 -2.68 -23.27
N GLU C 84 -20.91 -3.28 -24.12
CA GLU C 84 -22.05 -4.02 -23.59
C GLU C 84 -21.58 -5.23 -22.78
N THR C 85 -20.55 -5.94 -23.27
CA THR C 85 -20.01 -7.04 -22.50
C THR C 85 -19.43 -6.56 -21.18
N LEU C 86 -18.72 -5.42 -21.20
CA LEU C 86 -18.22 -4.84 -19.96
C LEU C 86 -19.35 -4.58 -18.98
N ILE C 87 -20.46 -4.01 -19.48
CA ILE C 87 -21.59 -3.69 -18.63
C ILE C 87 -22.22 -4.96 -18.08
N ARG C 88 -22.42 -5.96 -18.94
CA ARG C 88 -23.06 -7.20 -18.51
C ARG C 88 -22.20 -7.93 -17.48
N GLU C 89 -20.92 -8.12 -17.79
CA GLU C 89 -20.08 -8.94 -16.95
C GLU C 89 -19.69 -8.22 -15.66
N ALA C 90 -19.54 -6.89 -15.70
CA ALA C 90 -19.35 -6.17 -14.45
C ALA C 90 -20.62 -6.20 -13.61
N SER C 91 -21.80 -6.08 -14.24
CA SER C 91 -23.05 -6.14 -13.49
C SER C 91 -23.25 -7.51 -12.86
N GLU C 92 -22.92 -8.57 -13.60
CA GLU C 92 -23.00 -9.91 -13.04
C GLU C 92 -22.00 -10.09 -11.92
N ALA C 93 -20.80 -9.53 -12.08
CA ALA C 93 -19.81 -9.61 -11.01
C ALA C 93 -20.29 -8.92 -9.75
N ILE C 94 -20.89 -7.73 -9.88
CA ILE C 94 -21.42 -7.01 -8.74
C ILE C 94 -22.55 -7.77 -8.08
N SER C 95 -23.48 -8.29 -8.89
CA SER C 95 -24.65 -8.98 -8.36
C SER C 95 -24.26 -10.19 -7.50
N ARG C 96 -23.41 -11.08 -8.05
CA ARG C 96 -23.04 -12.26 -7.27
C ARG C 96 -22.15 -11.92 -6.09
N SER C 97 -21.32 -10.87 -6.22
CA SER C 97 -20.42 -10.50 -5.14
C SER C 97 -21.20 -9.97 -3.93
N LEU C 98 -22.23 -9.17 -4.18
CA LEU C 98 -22.97 -8.54 -3.11
C LEU C 98 -24.24 -9.31 -2.76
N ASP C 99 -24.51 -10.40 -3.48
CA ASP C 99 -25.77 -11.13 -3.37
C ASP C 99 -26.95 -10.17 -3.45
N ALA C 100 -26.86 -9.24 -4.38
CA ALA C 100 -27.78 -8.20 -4.79
C ALA C 100 -28.49 -8.60 -6.09
N PRO C 101 -29.79 -8.34 -6.17
CA PRO C 101 -30.54 -8.68 -7.39
C PRO C 101 -29.90 -8.03 -8.62
N LEU C 102 -29.71 -8.83 -9.67
CA LEU C 102 -29.08 -8.30 -10.87
C LEU C 102 -29.82 -7.10 -11.42
N LYS C 103 -31.15 -7.13 -11.41
CA LYS C 103 -31.91 -6.02 -11.98
C LYS C 103 -31.80 -4.74 -11.16
N SER C 104 -31.31 -4.81 -9.92
CA SER C 104 -31.13 -3.61 -9.12
C SER C 104 -29.75 -2.99 -9.36
N VAL C 105 -28.93 -3.61 -10.20
CA VAL C 105 -27.57 -3.15 -10.44
C VAL C 105 -27.56 -2.20 -11.65
N ARG C 106 -27.05 -1.00 -11.45
CA ARG C 106 -26.92 0.01 -12.50
C ARG C 106 -25.45 0.33 -12.73
N ILE C 107 -25.03 0.27 -13.98
CA ILE C 107 -23.66 0.58 -14.38
C ILE C 107 -23.72 1.50 -15.57
N PHE C 108 -22.96 2.60 -15.51
CA PHE C 108 -22.78 3.39 -16.72
C PHE C 108 -21.30 3.65 -16.97
N ILE C 109 -21.01 3.83 -18.25
CA ILE C 109 -19.65 4.00 -18.76
C ILE C 109 -19.46 5.48 -19.09
N THR C 110 -18.34 6.04 -18.65
CA THR C 110 -17.87 7.35 -19.04
C THR C 110 -16.58 7.17 -19.83
N GLU C 111 -16.57 7.66 -21.06
CA GLU C 111 -15.40 7.57 -21.92
C GLU C 111 -14.51 8.79 -21.72
N ILE C 112 -13.20 8.56 -21.63
CA ILE C 112 -12.21 9.61 -21.53
C ILE C 112 -11.43 9.70 -22.82
N ALA C 113 -11.29 10.91 -23.35
CA ALA C 113 -10.35 11.10 -24.45
C ALA C 113 -8.93 10.85 -23.96
N LYS C 114 -8.08 10.33 -24.85
CA LYS C 114 -6.71 10.04 -24.47
C LYS C 114 -6.00 11.28 -23.92
N GLY C 115 -6.23 12.44 -24.52
CA GLY C 115 -5.68 13.71 -24.08
C GLY C 115 -6.31 14.29 -22.82
N HIS C 116 -7.33 13.63 -22.27
CA HIS C 116 -7.99 14.06 -21.03
C HIS C 116 -7.67 13.14 -19.86
N ALA C 117 -6.75 12.20 -20.03
CA ALA C 117 -6.41 11.26 -18.99
C ALA C 117 -4.94 11.41 -18.66
N GLY C 118 -4.63 11.57 -17.39
CA GLY C 118 -3.26 11.75 -16.95
C GLY C 118 -2.88 10.60 -16.04
N VAL C 119 -1.67 10.07 -16.24
CA VAL C 119 -1.09 9.10 -15.35
C VAL C 119 0.31 9.59 -15.01
N GLY C 120 0.65 9.63 -13.73
CA GLY C 120 1.96 10.11 -13.32
C GLY C 120 2.28 11.49 -13.86
N GLY C 121 1.25 12.27 -14.16
CA GLY C 121 1.45 13.60 -14.71
C GLY C 121 1.64 13.65 -16.22
N GLU C 122 1.53 12.53 -16.92
CA GLU C 122 1.70 12.51 -18.36
C GLU C 122 0.42 12.01 -19.03
N LEU C 123 0.16 12.54 -20.21
CA LEU C 123 -1.03 12.14 -20.97
C LEU C 123 -0.97 10.66 -21.30
N LEU C 124 -2.10 9.97 -21.13
CA LEU C 124 -2.20 8.57 -21.57
C LEU C 124 -1.88 8.42 -23.04
N SER C 125 -2.20 9.43 -23.85
CA SER C 125 -1.85 9.37 -25.27
C SER C 125 -0.35 9.27 -25.49
N LYS C 126 0.46 9.49 -24.45
CA LYS C 126 1.91 9.36 -24.51
C LYS C 126 2.41 8.08 -23.84
N VAL C 127 1.93 7.79 -22.64
CA VAL C 127 2.33 6.57 -21.94
C VAL C 127 1.78 5.35 -22.65
N LEU C 128 0.45 5.28 -22.77
CA LEU C 128 -0.25 4.20 -23.48
C LEU C 128 0.15 2.82 -22.98
N PRO D 1 26.43 2.19 8.62
CA PRO D 1 25.27 1.37 8.28
C PRO D 1 25.69 0.04 7.67
N ILE D 2 24.84 -0.97 7.78
CA ILE D 2 25.13 -2.30 7.29
C ILE D 2 24.00 -2.72 6.37
N ALA D 3 24.35 -3.12 5.16
CA ALA D 3 23.36 -3.57 4.17
C ALA D 3 23.58 -5.05 3.91
N GLN D 4 22.54 -5.86 4.14
CA GLN D 4 22.50 -7.26 3.73
C GLN D 4 21.63 -7.34 2.48
N ILE D 5 22.25 -7.67 1.35
CA ILE D 5 21.58 -7.71 0.06
C ILE D 5 21.51 -9.16 -0.41
N HIS D 6 20.31 -9.70 -0.48
CA HIS D 6 20.05 -11.00 -1.09
C HIS D 6 19.81 -10.82 -2.57
N ILE D 7 20.63 -11.50 -3.40
CA ILE D 7 20.50 -11.40 -4.84
C ILE D 7 20.43 -12.81 -5.43
N LEU D 8 19.93 -12.87 -6.66
CA LEU D 8 19.82 -14.15 -7.35
C LEU D 8 21.20 -14.61 -7.80
N GLU D 9 21.35 -15.92 -7.92
CA GLU D 9 22.55 -16.50 -8.49
C GLU D 9 22.72 -16.06 -9.93
N GLY D 10 23.95 -16.16 -10.42
CA GLY D 10 24.23 -15.93 -11.82
C GLY D 10 24.76 -14.56 -12.15
N HIS D 11 24.99 -13.72 -11.16
CA HIS D 11 25.59 -12.42 -11.41
C HIS D 11 27.10 -12.52 -11.47
N SER D 12 27.69 -11.70 -12.33
CA SER D 12 29.12 -11.71 -12.52
C SER D 12 29.86 -11.07 -11.34
N ASP D 13 31.14 -11.39 -11.24
CA ASP D 13 31.98 -10.72 -10.26
C ASP D 13 32.01 -9.23 -10.53
N GLU D 14 31.91 -8.82 -11.80
CA GLU D 14 31.90 -7.40 -12.11
C GLU D 14 30.64 -6.72 -11.58
N GLN D 15 29.48 -7.35 -11.74
CA GLN D 15 28.24 -6.82 -11.18
C GLN D 15 28.29 -6.76 -9.66
N LYS D 16 28.85 -7.79 -9.02
CA LYS D 16 28.89 -7.79 -7.56
C LYS D 16 29.84 -6.73 -7.02
N GLU D 17 30.99 -6.57 -7.66
CA GLU D 17 31.91 -5.52 -7.23
C GLU D 17 31.32 -4.14 -7.49
N THR D 18 30.65 -3.97 -8.64
CA THR D 18 29.98 -2.69 -8.90
C THR D 18 28.83 -2.45 -7.92
N LEU D 19 28.09 -3.52 -7.59
CA LEU D 19 27.00 -3.40 -6.62
C LEU D 19 27.50 -2.89 -5.27
N ILE D 20 28.60 -3.47 -4.77
CA ILE D 20 29.11 -3.06 -3.46
C ILE D 20 29.56 -1.61 -3.47
N ARG D 21 30.23 -1.18 -4.55
CA ARG D 21 30.71 0.20 -4.57
C ARG D 21 29.56 1.18 -4.73
N ASP D 22 28.67 0.93 -5.70
CA ASP D 22 27.58 1.87 -5.98
C ASP D 22 26.57 1.94 -4.84
N VAL D 23 26.22 0.79 -4.26
CA VAL D 23 25.27 0.86 -3.16
C VAL D 23 25.90 1.51 -1.94
N SER D 24 27.19 1.28 -1.71
CA SER D 24 27.84 1.89 -0.56
C SER D 24 27.90 3.40 -0.71
N GLU D 25 28.19 3.87 -1.93
CA GLU D 25 28.16 5.32 -2.17
C GLU D 25 26.74 5.85 -2.02
N ALA D 26 25.76 5.11 -2.52
CA ALA D 26 24.37 5.54 -2.38
C ALA D 26 23.97 5.60 -0.91
N ILE D 27 24.36 4.58 -0.12
CA ILE D 27 24.05 4.54 1.30
C ILE D 27 24.78 5.66 2.06
N SER D 28 26.06 5.87 1.75
CA SER D 28 26.82 6.93 2.42
C SER D 28 26.15 8.29 2.22
N ARG D 29 25.85 8.64 0.96
CA ARG D 29 25.21 9.92 0.67
C ARG D 29 23.85 10.03 1.34
N SER D 30 23.07 8.95 1.33
CA SER D 30 21.68 9.03 1.76
C SER D 30 21.51 8.93 3.27
N ASP D 31 22.43 8.23 3.95
CA ASP D 31 22.41 8.11 5.40
C ASP D 31 23.26 9.16 6.11
N ASP D 32 23.98 10.01 5.37
CA ASP D 32 24.94 10.95 5.94
C ASP D 32 25.93 10.24 6.85
N ALA D 33 26.53 9.19 6.30
CA ALA D 33 27.52 8.40 6.99
C ALA D 33 28.82 8.44 6.18
N THR D 34 29.94 8.26 6.87
CA THR D 34 31.20 8.14 6.16
C THR D 34 31.18 6.90 5.28
N LEU D 35 31.73 7.03 4.08
CA LEU D 35 31.78 5.88 3.17
C LEU D 35 32.46 4.69 3.83
N SER D 36 33.58 4.92 4.51
CA SER D 36 34.34 3.84 5.13
C SER D 36 33.54 3.08 6.17
N SER D 37 32.51 3.68 6.75
CA SER D 37 31.68 3.02 7.75
C SER D 37 30.54 2.22 7.14
N VAL D 38 30.41 2.21 5.81
CA VAL D 38 29.36 1.45 5.13
C VAL D 38 29.84 0.02 4.92
N ARG D 39 29.06 -0.94 5.41
CA ARG D 39 29.36 -2.37 5.30
C ARG D 39 28.29 -3.02 4.44
N VAL D 40 28.71 -3.85 3.49
CA VAL D 40 27.77 -4.52 2.61
C VAL D 40 28.04 -6.03 2.60
N ILE D 41 27.00 -6.81 2.77
CA ILE D 41 27.08 -8.26 2.68
C ILE D 41 26.19 -8.71 1.54
N ILE D 42 26.79 -9.39 0.57
CA ILE D 42 26.04 -10.00 -0.52
C ILE D 42 25.78 -11.45 -0.14
N THR D 43 24.52 -11.86 -0.22
CA THR D 43 24.13 -13.26 -0.07
C THR D 43 23.45 -13.71 -1.36
N GLU D 44 23.91 -14.81 -1.93
CA GLU D 44 23.27 -15.33 -3.13
C GLU D 44 22.14 -16.28 -2.74
N LEU D 45 21.03 -16.18 -3.46
CA LEU D 45 19.86 -17.03 -3.25
C LEU D 45 19.68 -17.98 -4.42
N ALA D 46 19.78 -19.29 -4.14
CA ALA D 46 19.33 -20.28 -5.10
C ALA D 46 17.84 -20.11 -5.31
N LYS D 47 17.38 -20.24 -6.56
CA LYS D 47 15.95 -20.05 -6.79
C LYS D 47 15.10 -21.09 -6.06
N GLY D 48 15.67 -22.25 -5.74
CA GLY D 48 14.98 -23.20 -4.87
C GLY D 48 14.91 -22.78 -3.41
N HIS D 49 15.55 -21.68 -3.02
CA HIS D 49 15.51 -21.18 -1.66
C HIS D 49 14.75 -19.86 -1.55
N PHE D 50 14.12 -19.41 -2.62
CA PHE D 50 13.49 -18.09 -2.70
C PHE D 50 12.02 -18.32 -3.02
N GLY D 51 11.14 -17.91 -2.11
CA GLY D 51 9.71 -18.07 -2.27
C GLY D 51 9.07 -16.73 -2.57
N ILE D 52 8.24 -16.71 -3.60
CA ILE D 52 7.41 -15.56 -3.95
C ILE D 52 5.98 -16.03 -3.94
N GLY D 53 5.17 -15.43 -3.07
CA GLY D 53 3.78 -15.80 -2.98
C GLY D 53 3.51 -17.25 -2.68
N GLY D 54 4.45 -17.97 -2.05
CA GLY D 54 4.32 -19.38 -1.79
C GLY D 54 4.83 -20.30 -2.88
N GLU D 55 5.36 -19.74 -3.96
CA GLU D 55 5.96 -20.48 -5.07
C GLU D 55 7.45 -20.20 -5.16
N LEU D 56 8.19 -21.19 -5.64
CA LEU D 56 9.61 -21.04 -5.87
C LEU D 56 9.87 -19.93 -6.87
N ALA D 57 10.98 -19.20 -6.68
CA ALA D 57 11.32 -18.11 -7.58
C ALA D 57 11.51 -18.62 -9.01
N SER D 58 11.97 -19.86 -9.19
CA SER D 58 12.12 -20.42 -10.53
C SER D 58 10.79 -20.66 -11.21
N LYS D 59 9.69 -20.69 -10.45
CA LYS D 59 8.34 -20.93 -10.96
C LYS D 59 7.55 -19.65 -11.13
N VAL D 60 8.17 -18.48 -10.93
CA VAL D 60 7.50 -17.19 -11.09
C VAL D 60 8.13 -16.47 -12.28
N PRO D 61 7.31 -15.90 -13.16
CA PRO D 61 7.83 -15.27 -14.37
C PRO D 61 8.67 -14.03 -14.09
N ARG D 62 9.36 -13.56 -15.13
CA ARG D 62 10.13 -12.33 -15.02
C ARG D 62 9.17 -11.17 -14.81
N GLY D 63 9.44 -10.34 -13.81
CA GLY D 63 8.49 -9.31 -13.45
C GLY D 63 7.39 -9.78 -12.53
N GLY D 64 7.38 -11.06 -12.17
CA GLY D 64 6.52 -11.59 -11.14
C GLY D 64 6.89 -11.13 -9.74
N GLY D 65 7.99 -10.40 -9.60
CA GLY D 65 8.43 -9.90 -8.32
C GLY D 65 9.68 -10.53 -7.75
N ALA D 66 10.24 -11.55 -8.39
CA ALA D 66 11.54 -12.06 -7.97
C ALA D 66 12.62 -11.03 -8.26
N GLY D 67 13.28 -10.55 -7.22
CA GLY D 67 14.30 -9.54 -7.36
C GLY D 67 15.13 -9.42 -6.09
N PRO D 68 16.13 -8.54 -6.12
CA PRO D 68 16.99 -8.35 -4.96
C PRO D 68 16.20 -7.85 -3.75
N ILE D 69 16.63 -8.28 -2.56
CA ILE D 69 16.04 -7.84 -1.29
C ILE D 69 17.16 -7.36 -0.37
N ALA D 70 17.06 -6.12 0.11
CA ALA D 70 18.12 -5.56 0.95
C ALA D 70 17.56 -5.17 2.31
N GLN D 71 18.28 -5.53 3.35
CA GLN D 71 17.98 -5.01 4.68
C GLN D 71 19.12 -4.08 5.07
N ILE D 72 18.78 -2.85 5.42
CA ILE D 72 19.77 -1.86 5.79
C ILE D 72 19.57 -1.50 7.26
N HIS D 73 20.60 -1.75 8.07
CA HIS D 73 20.63 -1.36 9.47
C HIS D 73 21.27 0.02 9.58
N ILE D 74 20.52 0.99 10.11
CA ILE D 74 21.04 2.33 10.30
C ILE D 74 20.78 2.74 11.74
N LEU D 75 21.55 3.72 12.20
CA LEU D 75 21.33 4.30 13.52
C LEU D 75 20.07 5.15 13.54
N GLU D 76 19.47 5.25 14.72
CA GLU D 76 18.37 6.17 14.91
C GLU D 76 18.82 7.59 14.60
N GLY D 77 17.85 8.47 14.37
CA GLY D 77 18.14 9.88 14.22
C GLY D 77 17.97 10.46 12.83
N ARG D 78 17.63 9.65 11.82
CA ARG D 78 17.34 10.17 10.49
C ARG D 78 15.86 10.47 10.38
N SER D 79 15.52 11.43 9.53
CA SER D 79 14.13 11.77 9.30
C SER D 79 13.48 10.76 8.36
N GLY D 80 12.14 10.82 8.27
CA GLY D 80 11.45 10.01 7.30
C GLY D 80 11.92 10.27 5.88
N GLU D 81 12.19 11.54 5.57
CA GLU D 81 12.59 11.93 4.22
C GLU D 81 14.00 11.43 3.89
N GLN D 82 14.91 11.49 4.84
CA GLN D 82 16.23 10.93 4.59
C GLN D 82 16.16 9.42 4.38
N LYS D 83 15.32 8.74 5.17
CA LYS D 83 15.17 7.31 4.99
C LYS D 83 14.48 6.98 3.66
N GLU D 84 13.55 7.84 3.23
CA GLU D 84 12.97 7.67 1.90
C GLU D 84 14.03 7.79 0.82
N THR D 85 14.95 8.75 0.97
CA THR D 85 16.06 8.90 0.05
C THR D 85 16.96 7.67 0.07
N LEU D 86 17.24 7.15 1.26
CA LEU D 86 18.06 5.94 1.38
C LEU D 86 17.45 4.79 0.59
N ILE D 87 16.15 4.56 0.75
CA ILE D 87 15.50 3.46 0.04
C ILE D 87 15.55 3.70 -1.46
N ARG D 88 15.29 4.94 -1.90
CA ARG D 88 15.27 5.20 -3.33
C ARG D 88 16.64 5.03 -3.95
N GLU D 89 17.66 5.69 -3.38
CA GLU D 89 18.94 5.71 -4.04
C GLU D 89 19.66 4.37 -3.94
N ALA D 90 19.51 3.68 -2.80
CA ALA D 90 20.08 2.34 -2.69
C ALA D 90 19.41 1.39 -3.68
N SER D 91 18.08 1.51 -3.83
CA SER D 91 17.39 0.64 -4.79
C SER D 91 17.85 0.91 -6.21
N GLU D 92 18.10 2.20 -6.55
CA GLU D 92 18.59 2.53 -7.87
C GLU D 92 19.98 1.98 -8.12
N ALA D 93 20.85 2.07 -7.10
CA ALA D 93 22.19 1.51 -7.21
C ALA D 93 22.13 0.01 -7.37
N ILE D 94 21.25 -0.65 -6.62
CA ILE D 94 21.09 -2.10 -6.76
C ILE D 94 20.62 -2.42 -8.17
N SER D 95 19.58 -1.69 -8.63
CA SER D 95 19.00 -1.93 -9.95
C SER D 95 20.04 -1.75 -11.05
N ARG D 96 20.74 -0.61 -11.05
CA ARG D 96 21.69 -0.35 -12.13
C ARG D 96 22.88 -1.30 -12.10
N SER D 97 23.34 -1.71 -10.90
CA SER D 97 24.52 -2.57 -10.79
C SER D 97 24.25 -3.98 -11.29
N LEU D 98 23.07 -4.51 -10.98
CA LEU D 98 22.75 -5.89 -11.29
C LEU D 98 21.97 -6.04 -12.58
N ASP D 99 21.69 -4.93 -13.27
CA ASP D 99 20.79 -4.96 -14.43
C ASP D 99 19.47 -5.63 -14.06
N ALA D 100 18.94 -5.29 -12.88
CA ALA D 100 17.65 -5.80 -12.43
C ALA D 100 16.59 -4.73 -12.57
N PRO D 101 15.39 -5.07 -13.04
CA PRO D 101 14.32 -4.06 -13.11
C PRO D 101 14.09 -3.45 -11.73
N LEU D 102 14.02 -2.12 -11.70
CA LEU D 102 13.87 -1.41 -10.44
C LEU D 102 12.66 -1.90 -9.66
N LYS D 103 11.57 -2.22 -10.36
CA LYS D 103 10.33 -2.59 -9.71
C LYS D 103 10.45 -3.89 -8.90
N SER D 104 11.48 -4.69 -9.14
CA SER D 104 11.67 -5.94 -8.42
C SER D 104 12.53 -5.80 -7.17
N VAL D 105 13.04 -4.60 -6.90
CA VAL D 105 13.98 -4.37 -5.80
C VAL D 105 13.19 -4.00 -4.55
N ARG D 106 13.42 -4.73 -3.45
CA ARG D 106 12.74 -4.49 -2.18
C ARG D 106 13.78 -4.15 -1.11
N ILE D 107 13.53 -3.09 -0.35
CA ILE D 107 14.43 -2.67 0.71
C ILE D 107 13.61 -2.40 1.96
N PHE D 108 14.08 -2.88 3.10
CA PHE D 108 13.53 -2.39 4.35
C PHE D 108 14.67 -1.96 5.27
N ILE D 109 14.36 -1.00 6.13
CA ILE D 109 15.32 -0.37 7.02
C ILE D 109 15.02 -0.82 8.44
N THR D 110 16.08 -1.15 9.18
CA THR D 110 16.00 -1.39 10.63
C THR D 110 16.82 -0.36 11.38
N GLU D 111 16.17 0.37 12.29
CA GLU D 111 16.84 1.39 13.08
C GLU D 111 17.39 0.78 14.35
N ILE D 112 18.64 1.12 14.66
CA ILE D 112 19.31 0.72 15.89
C ILE D 112 19.40 1.92 16.80
N ALA D 113 18.97 1.76 18.05
CA ALA D 113 19.20 2.80 19.05
C ALA D 113 20.70 2.90 19.32
N LYS D 114 21.17 4.11 19.62
CA LYS D 114 22.60 4.33 19.87
C LYS D 114 23.10 3.40 20.96
N GLY D 115 22.27 3.13 21.97
CA GLY D 115 22.61 2.21 23.04
C GLY D 115 22.55 0.75 22.66
N HIS D 116 22.13 0.41 21.43
CA HIS D 116 22.09 -0.97 20.97
C HIS D 116 23.12 -1.28 19.89
N ALA D 117 23.99 -0.33 19.57
CA ALA D 117 24.96 -0.49 18.49
C ALA D 117 26.35 -0.43 19.09
N GLY D 118 27.18 -1.41 18.77
CA GLY D 118 28.52 -1.50 19.30
C GLY D 118 29.56 -1.57 18.21
N VAL D 119 30.65 -0.84 18.40
CA VAL D 119 31.83 -0.98 17.57
C VAL D 119 32.99 -1.15 18.52
N GLY D 120 33.84 -2.15 18.27
CA GLY D 120 34.96 -2.40 19.15
C GLY D 120 34.59 -2.63 20.61
N GLY D 121 33.37 -3.07 20.87
CA GLY D 121 32.93 -3.35 22.22
C GLY D 121 32.43 -2.16 23.00
N GLU D 122 32.35 -1.00 22.37
CA GLU D 122 31.91 0.22 23.03
C GLU D 122 30.64 0.72 22.35
N LEU D 123 29.73 1.27 23.16
CA LEU D 123 28.53 1.86 22.60
C LEU D 123 28.89 3.05 21.74
N LEU D 124 28.23 3.15 20.59
CA LEU D 124 28.48 4.25 19.68
C LEU D 124 28.24 5.60 20.35
N SER D 125 27.17 5.69 21.14
CA SER D 125 26.80 6.92 21.84
C SER D 125 27.83 7.37 22.87
N LYS D 126 28.78 6.51 23.26
CA LYS D 126 29.73 6.90 24.28
C LYS D 126 31.12 7.21 23.73
N VAL D 127 31.50 6.64 22.59
CA VAL D 127 32.72 7.09 21.92
C VAL D 127 32.44 8.35 21.10
N LEU D 128 31.18 8.55 20.70
CA LEU D 128 30.80 9.67 19.83
C LEU D 128 31.23 11.01 20.40
N ARG D 129 31.32 11.10 21.72
CA ARG D 129 31.48 12.37 22.39
C ARG D 129 32.96 12.77 22.43
N PRO E 1 5.23 -9.18 3.61
CA PRO E 1 6.03 -9.68 4.74
C PRO E 1 7.14 -10.58 4.24
N ILE E 2 8.22 -10.65 4.99
CA ILE E 2 9.41 -11.40 4.57
C ILE E 2 9.79 -12.31 5.73
N ALA E 3 9.95 -13.58 5.43
CA ALA E 3 10.39 -14.55 6.42
C ALA E 3 11.76 -15.04 6.01
N GLN E 4 12.74 -14.87 6.90
CA GLN E 4 14.05 -15.51 6.74
C GLN E 4 14.06 -16.75 7.64
N ILE E 5 14.10 -17.93 7.02
CA ILE E 5 14.02 -19.19 7.75
C ILE E 5 15.34 -19.92 7.61
N HIS E 6 16.05 -20.04 8.73
CA HIS E 6 17.29 -20.81 8.81
C HIS E 6 16.94 -22.25 9.14
N ILE E 7 17.36 -23.18 8.30
CA ILE E 7 17.08 -24.59 8.49
C ILE E 7 18.40 -25.35 8.41
N LEU E 8 18.40 -26.55 8.95
CA LEU E 8 19.57 -27.40 8.89
C LEU E 8 19.75 -28.00 7.49
N GLU E 9 20.99 -28.30 7.14
CA GLU E 9 21.26 -29.02 5.92
C GLU E 9 20.55 -30.37 5.91
N GLY E 10 20.35 -30.90 4.71
CA GLY E 10 19.81 -32.24 4.53
C GLY E 10 18.35 -32.32 4.19
N HIS E 11 17.65 -31.21 4.03
CA HIS E 11 16.26 -31.28 3.64
C HIS E 11 16.12 -31.42 2.12
N SER E 12 15.07 -32.12 1.70
CA SER E 12 14.84 -32.32 0.28
C SER E 12 14.35 -31.03 -0.38
N ASP E 13 14.45 -30.98 -1.71
CA ASP E 13 13.87 -29.88 -2.46
C ASP E 13 12.36 -29.82 -2.28
N GLU E 14 11.71 -30.97 -2.14
CA GLU E 14 10.28 -30.98 -1.93
C GLU E 14 9.90 -30.41 -0.56
N GLN E 15 10.67 -30.76 0.48
CA GLN E 15 10.40 -30.18 1.80
C GLN E 15 10.56 -28.67 1.77
N LYS E 16 11.56 -28.16 1.04
CA LYS E 16 11.77 -26.72 0.96
C LYS E 16 10.64 -26.04 0.18
N GLU E 17 10.21 -26.65 -0.91
CA GLU E 17 9.09 -26.11 -1.68
C GLU E 17 7.80 -26.14 -0.86
N THR E 18 7.58 -27.22 -0.10
CA THR E 18 6.45 -27.31 0.81
C THR E 18 6.56 -26.29 1.95
N LEU E 19 7.78 -26.09 2.47
CA LEU E 19 7.97 -25.07 3.50
C LEU E 19 7.57 -23.68 2.97
N ILE E 20 8.02 -23.36 1.77
CA ILE E 20 7.76 -22.04 1.20
C ILE E 20 6.26 -21.83 1.01
N ARG E 21 5.56 -22.84 0.51
CA ARG E 21 4.12 -22.70 0.29
C ARG E 21 3.35 -22.65 1.60
N ASP E 22 3.61 -23.61 2.49
CA ASP E 22 2.82 -23.70 3.71
C ASP E 22 3.08 -22.51 4.64
N VAL E 23 4.33 -22.06 4.76
CA VAL E 23 4.60 -20.91 5.63
C VAL E 23 4.05 -19.64 5.03
N SER E 24 4.14 -19.48 3.71
CA SER E 24 3.61 -18.28 3.07
C SER E 24 2.11 -18.20 3.25
N GLU E 25 1.41 -19.33 3.16
CA GLU E 25 -0.02 -19.36 3.43
C GLU E 25 -0.34 -18.97 4.86
N ALA E 26 0.44 -19.48 5.82
CA ALA E 26 0.20 -19.13 7.22
C ALA E 26 0.43 -17.65 7.45
N ILE E 27 1.49 -17.09 6.84
CA ILE E 27 1.80 -15.68 7.01
C ILE E 27 0.71 -14.81 6.38
N SER E 28 0.31 -15.16 5.16
CA SER E 28 -0.73 -14.41 4.47
C SER E 28 -1.99 -14.36 5.31
N ARG E 29 -2.47 -15.53 5.73
CA ARG E 29 -3.71 -15.61 6.51
C ARG E 29 -3.60 -14.85 7.83
N SER E 30 -2.46 -14.95 8.51
CA SER E 30 -2.37 -14.39 9.85
C SER E 30 -1.97 -12.92 9.84
N ASP E 31 -1.24 -12.48 8.81
CA ASP E 31 -0.86 -11.08 8.67
C ASP E 31 -1.89 -10.29 7.88
N ASP E 32 -2.92 -10.97 7.38
CA ASP E 32 -3.94 -10.40 6.49
C ASP E 32 -3.28 -9.63 5.36
N ALA E 33 -2.34 -10.30 4.71
CA ALA E 33 -1.61 -9.80 3.56
C ALA E 33 -1.91 -10.70 2.38
N THR E 34 -1.90 -10.11 1.18
CA THR E 34 -2.08 -10.92 -0.02
C THR E 34 -0.94 -11.93 -0.11
N LEU E 35 -1.28 -13.14 -0.54
CA LEU E 35 -0.29 -14.20 -0.68
C LEU E 35 0.85 -13.77 -1.59
N SER E 36 0.54 -13.09 -2.69
CA SER E 36 1.57 -12.70 -3.64
C SER E 36 2.66 -11.82 -3.02
N SER E 37 2.36 -11.10 -1.94
CA SER E 37 3.34 -10.21 -1.32
C SER E 37 4.19 -10.91 -0.26
N VAL E 38 4.00 -12.21 -0.01
CA VAL E 38 4.81 -12.90 1.00
C VAL E 38 6.07 -13.41 0.34
N ARG E 39 7.21 -13.04 0.90
CA ARG E 39 8.52 -13.47 0.44
C ARG E 39 9.15 -14.34 1.51
N VAL E 40 9.80 -15.42 1.09
CA VAL E 40 10.45 -16.36 2.00
C VAL E 40 11.89 -16.57 1.54
N ILE E 41 12.84 -16.42 2.46
CA ILE E 41 14.24 -16.72 2.21
C ILE E 41 14.64 -17.90 3.09
N ILE E 42 15.06 -18.97 2.45
CA ILE E 42 15.60 -20.14 3.12
C ILE E 42 17.11 -20.00 3.17
N THR E 43 17.68 -20.16 4.35
CA THR E 43 19.13 -20.22 4.53
C THR E 43 19.45 -21.55 5.18
N GLU E 44 20.37 -22.28 4.59
CA GLU E 44 20.78 -23.56 5.15
C GLU E 44 21.90 -23.33 6.13
N LEU E 45 21.83 -24.02 7.25
CA LEU E 45 22.85 -23.94 8.29
C LEU E 45 23.57 -25.27 8.36
N ALA E 46 24.88 -25.25 8.12
CA ALA E 46 25.69 -26.41 8.43
C ALA E 46 25.68 -26.64 9.94
N LYS E 47 25.59 -27.90 10.34
CA LYS E 47 25.52 -28.23 11.76
C LYS E 47 26.78 -27.81 12.51
N GLY E 48 27.92 -27.68 11.82
CA GLY E 48 29.11 -27.10 12.40
C GLY E 48 29.08 -25.60 12.60
N HIS E 49 28.01 -24.94 12.14
CA HIS E 49 27.84 -23.50 12.26
C HIS E 49 26.71 -23.12 13.20
N PHE E 50 26.10 -24.09 13.88
CA PHE E 50 24.92 -23.89 14.69
C PHE E 50 25.24 -24.31 16.11
N GLY E 51 25.13 -23.36 17.03
CA GLY E 51 25.45 -23.59 18.43
C GLY E 51 24.19 -23.64 19.29
N ILE E 52 24.14 -24.65 20.14
CA ILE E 52 23.14 -24.77 21.18
C ILE E 52 23.91 -24.85 22.49
N GLY E 53 23.67 -23.89 23.38
CA GLY E 53 24.39 -23.89 24.64
C GLY E 53 25.88 -23.82 24.51
N GLY E 54 26.41 -23.29 23.39
CA GLY E 54 27.83 -23.21 23.18
C GLY E 54 28.46 -24.44 22.55
N GLU E 55 27.69 -25.47 22.25
CA GLU E 55 28.19 -26.69 21.62
C GLU E 55 27.66 -26.77 20.20
N LEU E 56 28.47 -27.30 19.29
CA LEU E 56 28.04 -27.45 17.91
C LEU E 56 26.88 -28.42 17.80
N ALA E 57 25.95 -28.11 16.89
CA ALA E 57 24.85 -29.04 16.61
C ALA E 57 25.38 -30.36 16.08
N SER E 58 26.53 -30.33 15.39
CA SER E 58 27.15 -31.53 14.85
C SER E 58 27.72 -32.46 15.92
N LYS E 59 28.03 -31.96 17.11
CA LYS E 59 28.60 -32.77 18.17
C LYS E 59 27.61 -33.12 19.26
N VAL E 60 26.39 -32.61 19.20
CA VAL E 60 25.38 -32.98 20.18
C VAL E 60 24.27 -33.68 19.40
N PRO E 61 23.67 -34.70 19.97
CA PRO E 61 22.78 -35.57 19.20
C PRO E 61 21.55 -34.87 18.65
N ARG E 62 20.86 -35.58 17.77
CA ARG E 62 19.59 -35.09 17.26
C ARG E 62 18.57 -35.08 18.40
N GLY E 63 17.63 -34.14 18.31
CA GLY E 63 16.70 -33.95 19.40
C GLY E 63 17.34 -33.17 20.52
N GLY E 64 18.60 -32.80 20.31
CA GLY E 64 19.36 -31.92 21.20
C GLY E 64 18.86 -30.49 21.25
N GLY E 65 17.88 -30.14 20.43
CA GLY E 65 17.34 -28.80 20.38
C GLY E 65 17.69 -28.01 19.15
N ALA E 66 18.55 -28.56 18.28
CA ALA E 66 18.83 -27.96 16.98
C ALA E 66 17.57 -28.04 16.12
N GLY E 67 17.11 -26.90 15.63
CA GLY E 67 15.92 -26.85 14.83
C GLY E 67 15.83 -25.54 14.07
N PRO E 68 14.81 -25.42 13.24
CA PRO E 68 14.64 -24.20 12.42
C PRO E 68 14.50 -22.96 13.28
N ILE E 69 15.05 -21.86 12.76
CA ILE E 69 14.93 -20.53 13.36
C ILE E 69 14.43 -19.61 12.26
N ALA E 70 13.29 -18.99 12.49
CA ALA E 70 12.64 -18.17 11.48
C ALA E 70 12.48 -16.76 12.02
N GLN E 71 12.82 -15.77 11.20
CA GLN E 71 12.53 -14.37 11.49
C GLN E 71 11.53 -13.84 10.47
N ILE E 72 10.42 -13.29 10.96
CA ILE E 72 9.37 -12.80 10.06
C ILE E 72 9.30 -11.29 10.22
N HIS E 73 9.56 -10.58 9.13
CA HIS E 73 9.44 -9.14 9.10
C HIS E 73 8.03 -8.80 8.61
N ILE E 74 7.24 -8.13 9.46
CA ILE E 74 5.89 -7.70 9.11
C ILE E 74 5.76 -6.21 9.43
N LEU E 75 4.79 -5.59 8.76
CA LEU E 75 4.50 -4.18 9.05
C LEU E 75 3.77 -4.04 10.37
N GLU E 76 4.03 -2.92 11.04
CA GLU E 76 3.33 -2.64 12.28
C GLU E 76 1.83 -2.57 12.03
N GLY E 77 1.07 -2.69 13.11
CA GLY E 77 -0.37 -2.57 13.04
C GLY E 77 -1.16 -3.84 13.31
N ARG E 78 -0.50 -4.97 13.54
CA ARG E 78 -1.21 -6.18 13.93
C ARG E 78 -1.31 -6.26 15.45
N SER E 79 -2.37 -6.90 15.93
CA SER E 79 -2.56 -7.03 17.37
C SER E 79 -1.66 -8.14 17.92
N GLY E 80 -1.50 -8.14 19.25
CA GLY E 80 -0.76 -9.21 19.88
C GLY E 80 -1.32 -10.58 19.57
N GLU E 81 -2.64 -10.69 19.53
CA GLU E 81 -3.29 -11.97 19.27
C GLU E 81 -3.08 -12.41 17.82
N GLN E 82 -3.16 -11.47 16.87
CA GLN E 82 -2.90 -11.83 15.49
C GLN E 82 -1.45 -12.27 15.31
N LYS E 83 -0.51 -11.58 15.98
CA LYS E 83 0.88 -12.02 15.89
C LYS E 83 1.08 -13.35 16.59
N GLU E 84 0.31 -13.60 17.65
CA GLU E 84 0.37 -14.90 18.30
C GLU E 84 -0.11 -16.00 17.37
N THR E 85 -1.17 -15.76 16.61
CA THR E 85 -1.63 -16.73 15.64
C THR E 85 -0.60 -16.93 14.53
N LEU E 86 0.04 -15.85 14.08
CA LEU E 86 1.11 -15.98 13.10
C LEU E 86 2.23 -16.89 13.61
N ILE E 87 2.68 -16.68 14.85
CA ILE E 87 3.79 -17.48 15.39
C ILE E 87 3.40 -18.95 15.49
N ARG E 88 2.17 -19.21 15.95
CA ARG E 88 1.74 -20.60 16.12
C ARG E 88 1.59 -21.32 14.78
N GLU E 89 0.91 -20.70 13.82
CA GLU E 89 0.62 -21.39 12.56
C GLU E 89 1.86 -21.46 11.67
N ALA E 90 2.70 -20.44 11.70
CA ALA E 90 3.94 -20.53 10.95
C ALA E 90 4.85 -21.61 11.52
N SER E 91 4.89 -21.72 12.86
CA SER E 91 5.70 -22.75 13.50
C SER E 91 5.17 -24.14 13.14
N GLU E 92 3.85 -24.29 13.10
CA GLU E 92 3.28 -25.56 12.67
C GLU E 92 3.60 -25.83 11.21
N ALA E 93 3.55 -24.80 10.38
CA ALA E 93 3.91 -24.94 8.98
C ALA E 93 5.35 -25.38 8.80
N ILE E 94 6.27 -24.81 9.59
CA ILE E 94 7.68 -25.19 9.51
C ILE E 94 7.86 -26.64 9.94
N SER E 95 7.26 -27.00 11.07
CA SER E 95 7.41 -28.34 11.63
C SER E 95 6.94 -29.42 10.66
N ARG E 96 5.72 -29.29 10.15
CA ARG E 96 5.22 -30.33 9.27
C ARG E 96 5.95 -30.37 7.93
N SER E 97 6.42 -29.22 7.44
CA SER E 97 7.11 -29.19 6.15
C SER E 97 8.47 -29.87 6.24
N LEU E 98 9.20 -29.63 7.32
CA LEU E 98 10.56 -30.12 7.46
C LEU E 98 10.67 -31.43 8.23
N ASP E 99 9.53 -32.02 8.62
CA ASP E 99 9.54 -33.17 9.54
C ASP E 99 10.40 -32.87 10.76
N ALA E 100 10.29 -31.65 11.26
CA ALA E 100 11.03 -31.23 12.44
C ALA E 100 10.10 -31.15 13.64
N PRO E 101 10.53 -31.64 14.80
CA PRO E 101 9.70 -31.52 16.00
C PRO E 101 9.32 -30.07 16.30
N LEU E 102 8.04 -29.87 16.59
CA LEU E 102 7.52 -28.53 16.81
C LEU E 102 8.28 -27.79 17.92
N LYS E 103 8.60 -28.49 19.01
CA LYS E 103 9.27 -27.85 20.13
C LYS E 103 10.66 -27.35 19.81
N SER E 104 11.26 -27.81 18.71
CA SER E 104 12.58 -27.35 18.30
C SER E 104 12.52 -26.13 17.39
N VAL E 105 11.31 -25.70 17.01
CA VAL E 105 11.12 -24.59 16.07
C VAL E 105 11.04 -23.27 16.84
N ARG E 106 11.87 -22.31 16.46
CA ARG E 106 11.86 -20.98 17.04
C ARG E 106 11.48 -19.97 15.98
N ILE E 107 10.56 -19.07 16.31
CA ILE E 107 10.17 -17.98 15.43
C ILE E 107 10.16 -16.69 16.21
N PHE E 108 10.71 -15.64 15.63
CA PHE E 108 10.49 -14.32 16.19
C PHE E 108 10.05 -13.34 15.10
N ILE E 109 9.28 -12.33 15.53
CA ILE E 109 8.72 -11.31 14.66
C ILE E 109 9.49 -10.02 14.89
N THR E 110 9.93 -9.38 13.81
CA THR E 110 10.41 -8.00 13.89
C THR E 110 9.52 -7.16 13.00
N GLU E 111 8.95 -6.12 13.59
CA GLU E 111 8.01 -5.24 12.92
C GLU E 111 8.76 -4.16 12.15
N ILE E 112 8.25 -3.82 10.97
CA ILE E 112 8.80 -2.72 10.20
C ILE E 112 7.88 -1.52 10.39
N ALA E 113 8.46 -0.42 10.85
CA ALA E 113 7.74 0.84 11.02
C ALA E 113 7.36 1.45 9.68
N LYS E 114 6.23 2.17 9.67
CA LYS E 114 5.79 2.82 8.44
C LYS E 114 6.89 3.71 7.90
N GLY E 115 7.10 3.66 6.60
CA GLY E 115 8.13 4.47 6.00
C GLY E 115 9.47 3.80 5.94
N HIS E 116 9.59 2.56 6.44
CA HIS E 116 10.87 1.87 6.40
C HIS E 116 10.91 0.75 5.36
N ALA E 117 9.86 0.60 4.54
CA ALA E 117 9.80 -0.49 3.57
C ALA E 117 9.68 0.06 2.16
N GLY E 118 10.52 -0.42 1.27
CA GLY E 118 10.54 0.07 -0.10
C GLY E 118 10.38 -1.02 -1.13
N VAL E 119 9.63 -0.71 -2.18
CA VAL E 119 9.55 -1.51 -3.40
C VAL E 119 9.76 -0.56 -4.59
N GLY E 120 10.62 -0.96 -5.53
CA GLY E 120 10.94 -0.12 -6.66
C GLY E 120 11.52 1.22 -6.28
N GLY E 121 12.10 1.36 -5.11
CA GLY E 121 12.69 2.60 -4.65
C GLY E 121 11.71 3.56 -4.02
N GLU E 122 10.45 3.16 -3.86
CA GLU E 122 9.41 4.00 -3.30
C GLU E 122 8.86 3.33 -2.04
N LEU E 123 8.48 4.15 -1.06
CA LEU E 123 7.92 3.66 0.18
C LEU E 123 6.60 2.95 -0.07
N LEU E 124 6.39 1.82 0.60
CA LEU E 124 5.11 1.13 0.49
C LEU E 124 3.96 2.06 0.88
N SER E 125 4.17 2.88 1.91
CA SER E 125 3.16 3.82 2.35
C SER E 125 2.84 4.90 1.32
N LYS E 126 3.66 5.08 0.29
CA LYS E 126 3.44 6.11 -0.72
C LYS E 126 2.99 5.58 -2.07
N VAL E 127 3.50 4.43 -2.52
CA VAL E 127 2.96 3.78 -3.72
C VAL E 127 1.52 3.34 -3.46
N LEU E 128 1.22 3.04 -2.20
CA LEU E 128 -0.14 2.63 -1.80
C LEU E 128 -1.16 3.70 -2.17
N ARG E 129 -0.88 4.95 -1.84
CA ARG E 129 -1.85 6.03 -1.94
C ARG E 129 -2.39 6.21 -3.36
N PRO F 1 33.78 -8.47 11.48
CA PRO F 1 32.66 -9.37 11.77
C PRO F 1 31.49 -8.64 12.43
N ILE F 2 30.28 -9.17 12.22
CA ILE F 2 29.04 -8.53 12.64
C ILE F 2 28.20 -9.53 13.41
N ALA F 3 27.77 -9.16 14.61
CA ALA F 3 26.87 -10.00 15.40
C ALA F 3 25.52 -9.30 15.54
N GLN F 4 24.47 -9.96 15.10
CA GLN F 4 23.10 -9.52 15.42
C GLN F 4 22.63 -10.39 16.57
N ILE F 5 22.54 -9.80 17.76
CA ILE F 5 22.11 -10.53 18.95
C ILE F 5 20.68 -10.12 19.26
N HIS F 6 19.75 -11.05 19.07
CA HIS F 6 18.36 -10.86 19.44
C HIS F 6 18.17 -11.35 20.86
N ILE F 7 17.73 -10.47 21.76
CA ILE F 7 17.55 -10.78 23.17
C ILE F 7 16.14 -10.39 23.56
N LEU F 8 15.69 -10.94 24.69
CA LEU F 8 14.39 -10.58 25.24
C LEU F 8 14.44 -9.21 25.90
N GLU F 9 13.28 -8.55 25.95
CA GLU F 9 13.15 -7.32 26.70
C GLU F 9 13.47 -7.55 28.18
N GLY F 10 13.74 -6.45 28.87
CA GLY F 10 13.89 -6.47 30.31
C GLY F 10 15.31 -6.49 30.83
N HIS F 11 16.30 -6.46 29.96
CA HIS F 11 17.69 -6.39 30.41
C HIS F 11 18.06 -4.93 30.64
N SER F 12 18.90 -4.70 31.65
CA SER F 12 19.30 -3.34 32.02
C SER F 12 20.27 -2.76 31.00
N ASP F 13 20.44 -1.44 31.08
CA ASP F 13 21.46 -0.78 30.24
C ASP F 13 22.86 -1.31 30.56
N GLU F 14 23.11 -1.65 31.82
CA GLU F 14 24.43 -2.20 32.19
C GLU F 14 24.64 -3.59 31.60
N GLN F 15 23.61 -4.45 31.63
CA GLN F 15 23.72 -5.77 31.02
C GLN F 15 23.94 -5.66 29.51
N LYS F 16 23.24 -4.74 28.84
CA LYS F 16 23.38 -4.61 27.39
C LYS F 16 24.78 -4.13 27.01
N GLU F 17 25.30 -3.15 27.75
CA GLU F 17 26.64 -2.68 27.45
C GLU F 17 27.68 -3.74 27.77
N THR F 18 27.50 -4.46 28.89
CA THR F 18 28.40 -5.55 29.23
C THR F 18 28.31 -6.65 28.18
N LEU F 19 27.11 -6.91 27.68
CA LEU F 19 26.96 -7.88 26.58
C LEU F 19 27.78 -7.46 25.36
N ILE F 20 27.65 -6.19 24.97
CA ILE F 20 28.36 -5.72 23.78
C ILE F 20 29.86 -5.81 23.98
N ARG F 21 30.35 -5.50 25.18
CA ARG F 21 31.78 -5.54 25.44
C ARG F 21 32.29 -6.97 25.41
N ASP F 22 31.67 -7.86 26.18
CA ASP F 22 32.18 -9.23 26.30
C ASP F 22 32.06 -10.00 25.00
N VAL F 23 30.94 -9.84 24.29
CA VAL F 23 30.73 -10.60 23.06
C VAL F 23 31.71 -10.14 21.99
N SER F 24 31.98 -8.83 21.93
CA SER F 24 32.90 -8.32 20.92
C SER F 24 34.30 -8.84 21.17
N GLU F 25 34.73 -8.86 22.43
CA GLU F 25 36.02 -9.42 22.76
C GLU F 25 36.06 -10.92 22.48
N ALA F 26 34.96 -11.62 22.79
CA ALA F 26 34.88 -13.06 22.52
C ALA F 26 35.00 -13.33 21.02
N ILE F 27 34.29 -12.55 20.21
CA ILE F 27 34.39 -12.72 18.76
C ILE F 27 35.80 -12.39 18.27
N SER F 28 36.38 -11.30 18.79
CA SER F 28 37.72 -10.89 18.37
C SER F 28 38.75 -11.98 18.66
N ARG F 29 38.75 -12.52 19.88
CA ARG F 29 39.73 -13.54 20.26
C ARG F 29 39.65 -14.74 19.33
N SER F 30 38.42 -15.16 19.01
CA SER F 30 38.19 -16.43 18.31
C SER F 30 38.20 -16.32 16.79
N ASP F 31 37.84 -15.17 16.23
CA ASP F 31 37.81 -14.99 14.77
C ASP F 31 39.12 -14.43 14.20
N ASP F 32 40.10 -14.13 15.06
CA ASP F 32 41.34 -13.47 14.63
C ASP F 32 41.00 -12.18 13.88
N ALA F 33 40.13 -11.36 14.47
CA ALA F 33 39.75 -10.07 13.94
C ALA F 33 40.08 -8.98 14.95
N THR F 34 40.44 -7.79 14.44
CA THR F 34 40.71 -6.66 15.33
C THR F 34 39.46 -6.30 16.10
N LEU F 35 39.63 -5.98 17.39
CA LEU F 35 38.48 -5.61 18.21
C LEU F 35 37.71 -4.47 17.56
N SER F 36 38.42 -3.47 17.04
CA SER F 36 37.77 -2.33 16.42
C SER F 36 36.90 -2.72 15.23
N SER F 37 37.17 -3.85 14.60
CA SER F 37 36.42 -4.31 13.44
C SER F 37 35.19 -5.14 13.81
N VAL F 38 34.94 -5.35 15.09
CA VAL F 38 33.78 -6.12 15.53
C VAL F 38 32.61 -5.17 15.78
N ARG F 39 31.49 -5.40 15.09
CA ARG F 39 30.27 -4.62 15.29
C ARG F 39 29.17 -5.53 15.82
N VAL F 40 28.46 -5.04 16.82
CA VAL F 40 27.41 -5.83 17.43
C VAL F 40 26.12 -5.02 17.40
N ILE F 41 25.05 -5.64 16.95
CA ILE F 41 23.73 -5.04 16.93
C ILE F 41 22.85 -5.83 17.89
N ILE F 42 22.32 -5.15 18.89
CA ILE F 42 21.34 -5.74 19.79
C ILE F 42 19.94 -5.38 19.31
N THR F 43 19.09 -6.39 19.18
CA THR F 43 17.67 -6.19 18.93
C THR F 43 16.91 -6.76 20.11
N GLU F 44 16.03 -5.95 20.69
CA GLU F 44 15.18 -6.42 21.75
C GLU F 44 13.93 -7.04 21.16
N LEU F 45 13.54 -8.17 21.71
CA LEU F 45 12.39 -8.92 21.27
C LEU F 45 11.33 -8.80 22.36
N ALA F 46 10.16 -8.28 22.01
CA ALA F 46 9.05 -8.39 22.94
C ALA F 46 8.73 -9.87 23.16
N LYS F 47 8.40 -10.21 24.41
CA LYS F 47 8.14 -11.61 24.75
C LYS F 47 6.95 -12.15 23.96
N GLY F 48 6.02 -11.28 23.59
CA GLY F 48 4.93 -11.63 22.71
C GLY F 48 5.34 -11.82 21.26
N HIS F 49 6.60 -11.57 20.90
CA HIS F 49 7.06 -11.75 19.53
C HIS F 49 8.01 -12.92 19.38
N PHE F 50 8.19 -13.72 20.42
CA PHE F 50 9.17 -14.80 20.44
C PHE F 50 8.40 -16.08 20.66
N GLY F 51 8.48 -17.00 19.70
CA GLY F 51 7.79 -18.28 19.76
C GLY F 51 8.78 -19.42 19.89
N ILE F 52 8.48 -20.34 20.81
CA ILE F 52 9.16 -21.63 20.87
C ILE F 52 8.06 -22.67 20.80
N GLY F 53 8.13 -23.54 19.79
CA GLY F 53 7.09 -24.53 19.59
C GLY F 53 5.72 -23.97 19.33
N GLY F 54 5.65 -22.73 18.83
CA GLY F 54 4.37 -22.11 18.57
C GLY F 54 3.76 -21.42 19.76
N GLU F 55 4.43 -21.43 20.90
CA GLU F 55 3.94 -20.77 22.10
C GLU F 55 4.78 -19.52 22.35
N LEU F 56 4.12 -18.44 22.77
CA LEU F 56 4.83 -17.21 23.05
C LEU F 56 5.76 -17.36 24.23
N ALA F 57 6.91 -16.67 24.17
CA ALA F 57 7.84 -16.70 25.29
C ALA F 57 7.17 -16.17 26.55
N SER F 58 6.19 -15.28 26.40
CA SER F 58 5.43 -14.76 27.54
C SER F 58 4.52 -15.80 28.20
N LYS F 59 4.18 -16.89 27.50
CA LYS F 59 3.33 -17.95 28.02
C LYS F 59 4.12 -19.18 28.47
N VAL F 60 5.44 -19.15 28.34
CA VAL F 60 6.32 -20.27 28.67
C VAL F 60 7.24 -19.84 29.78
N PRO F 61 7.33 -20.62 30.91
CA PRO F 61 8.14 -20.17 32.05
C PRO F 61 9.64 -20.13 31.78
N ARG F 62 10.44 -19.78 32.79
CA ARG F 62 11.89 -19.80 32.62
C ARG F 62 12.39 -21.23 32.49
N GLY F 63 13.49 -21.40 31.78
CA GLY F 63 13.89 -22.74 31.39
C GLY F 63 12.88 -23.35 30.43
N GLY F 64 12.35 -22.55 29.51
CA GLY F 64 11.42 -23.02 28.52
C GLY F 64 12.04 -23.03 27.14
N GLY F 65 13.24 -22.46 27.05
CA GLY F 65 14.01 -22.39 25.83
C GLY F 65 14.02 -21.03 25.19
N ALA F 66 13.20 -20.11 25.66
CA ALA F 66 13.28 -18.72 25.21
C ALA F 66 14.60 -18.15 25.68
N GLY F 67 15.44 -17.75 24.74
CA GLY F 67 16.73 -17.22 25.10
C GLY F 67 17.34 -16.47 23.94
N PRO F 68 18.50 -15.85 24.16
CA PRO F 68 19.13 -15.05 23.12
C PRO F 68 19.44 -15.88 21.89
N ILE F 69 19.33 -15.23 20.74
CA ILE F 69 19.66 -15.81 19.44
C ILE F 69 20.62 -14.84 18.77
N ALA F 70 21.80 -15.32 18.40
CA ALA F 70 22.80 -14.48 17.77
C ALA F 70 23.14 -15.07 16.41
N GLN F 71 23.22 -14.20 15.41
CA GLN F 71 23.77 -14.56 14.11
C GLN F 71 25.06 -13.77 13.94
N ILE F 72 26.15 -14.47 13.69
CA ILE F 72 27.46 -13.85 13.56
C ILE F 72 27.96 -14.05 12.14
N HIS F 73 28.17 -12.95 11.43
CA HIS F 73 28.77 -12.97 10.10
C HIS F 73 30.28 -12.81 10.24
N ILE F 74 31.03 -13.78 9.71
CA ILE F 74 32.49 -13.76 9.70
C ILE F 74 32.94 -14.07 8.28
N LEU F 75 34.18 -13.69 7.98
CA LEU F 75 34.78 -14.04 6.71
C LEU F 75 35.09 -15.53 6.68
N GLU F 76 34.96 -16.13 5.48
CA GLU F 76 35.30 -17.53 5.32
C GLU F 76 36.79 -17.77 5.60
N GLY F 77 37.16 -19.03 5.75
CA GLY F 77 38.55 -19.39 5.90
C GLY F 77 38.95 -19.81 7.29
N ARG F 78 38.03 -19.76 8.25
CA ARG F 78 38.32 -20.23 9.58
C ARG F 78 38.07 -21.73 9.61
N SER F 79 38.82 -22.42 10.46
CA SER F 79 38.66 -23.85 10.59
C SER F 79 37.42 -24.18 11.42
N GLY F 80 37.00 -25.44 11.34
CA GLY F 80 35.90 -25.89 12.19
C GLY F 80 36.17 -25.64 13.65
N GLU F 81 37.43 -25.76 14.07
CA GLU F 81 37.76 -25.59 15.48
C GLU F 81 37.62 -24.14 15.92
N GLN F 82 38.12 -23.20 15.10
CA GLN F 82 37.99 -21.78 15.46
C GLN F 82 36.53 -21.36 15.47
N LYS F 83 35.74 -21.85 14.51
CA LYS F 83 34.32 -21.51 14.54
C LYS F 83 33.64 -22.13 15.74
N GLU F 84 34.05 -23.34 16.13
CA GLU F 84 33.49 -23.94 17.33
C GLU F 84 33.87 -23.12 18.56
N THR F 85 35.11 -22.62 18.61
CA THR F 85 35.51 -21.75 19.72
C THR F 85 34.76 -20.44 19.72
N LEU F 86 34.56 -19.86 18.53
CA LEU F 86 33.75 -18.64 18.41
C LEU F 86 32.36 -18.85 19.01
N ILE F 87 31.71 -19.96 18.63
CA ILE F 87 30.36 -20.23 19.13
C ILE F 87 30.37 -20.41 20.64
N ARG F 88 31.35 -21.16 21.14
CA ARG F 88 31.39 -21.47 22.56
C ARG F 88 31.62 -20.21 23.38
N GLU F 89 32.60 -19.41 23.02
CA GLU F 89 32.92 -18.26 23.85
C GLU F 89 31.95 -17.10 23.68
N ALA F 90 31.41 -16.89 22.48
CA ALA F 90 30.36 -15.88 22.37
C ALA F 90 29.13 -16.30 23.16
N SER F 91 28.81 -17.61 23.15
CA SER F 91 27.67 -18.10 23.92
C SER F 91 27.88 -17.87 25.42
N GLU F 92 29.10 -18.09 25.91
CA GLU F 92 29.38 -17.81 27.31
C GLU F 92 29.26 -16.32 27.61
N ALA F 93 29.78 -15.46 26.74
CA ALA F 93 29.68 -14.02 26.99
C ALA F 93 28.24 -13.57 27.05
N ILE F 94 27.39 -14.07 26.13
CA ILE F 94 25.97 -13.72 26.15
C ILE F 94 25.34 -14.23 27.44
N SER F 95 25.64 -15.48 27.79
CA SER F 95 25.02 -16.14 28.94
C SER F 95 25.31 -15.39 30.24
N ARG F 96 26.58 -15.13 30.52
CA ARG F 96 26.90 -14.46 31.77
C ARG F 96 26.51 -12.99 31.73
N SER F 97 26.52 -12.35 30.55
CA SER F 97 26.17 -10.94 30.48
C SER F 97 24.68 -10.72 30.77
N LEU F 98 23.83 -11.59 30.26
CA LEU F 98 22.38 -11.44 30.39
C LEU F 98 21.79 -12.27 31.52
N ASP F 99 22.64 -13.00 32.26
CA ASP F 99 22.20 -13.97 33.26
C ASP F 99 21.16 -14.92 32.69
N ALA F 100 21.40 -15.37 31.48
CA ALA F 100 20.55 -16.32 30.76
C ALA F 100 21.17 -17.71 30.82
N PRO F 101 20.35 -18.74 30.99
CA PRO F 101 20.89 -20.11 30.95
C PRO F 101 21.61 -20.37 29.64
N LEU F 102 22.83 -20.90 29.73
CA LEU F 102 23.63 -21.17 28.54
C LEU F 102 22.87 -22.04 27.56
N LYS F 103 22.11 -23.02 28.06
CA LYS F 103 21.43 -23.98 27.20
C LYS F 103 20.36 -23.32 26.33
N SER F 104 19.90 -22.14 26.68
CA SER F 104 18.89 -21.42 25.90
C SER F 104 19.48 -20.50 24.87
N VAL F 105 20.80 -20.36 24.82
CA VAL F 105 21.45 -19.42 23.92
C VAL F 105 21.71 -20.12 22.60
N ARG F 106 21.23 -19.51 21.51
CA ARG F 106 21.40 -20.05 20.16
C ARG F 106 22.29 -19.10 19.39
N ILE F 107 23.36 -19.63 18.79
CA ILE F 107 24.25 -18.86 17.97
C ILE F 107 24.45 -19.62 16.69
N PHE F 108 24.34 -18.94 15.55
CA PHE F 108 24.79 -19.56 14.32
C PHE F 108 25.68 -18.61 13.53
N ILE F 109 26.57 -19.23 12.78
CA ILE F 109 27.58 -18.54 12.00
C ILE F 109 27.17 -18.56 10.54
N THR F 110 27.27 -17.41 9.89
CA THR F 110 27.20 -17.32 8.43
C THR F 110 28.55 -16.85 7.92
N GLU F 111 29.19 -17.66 7.07
CA GLU F 111 30.47 -17.28 6.51
C GLU F 111 30.23 -16.46 5.25
N ILE F 112 30.94 -15.35 5.13
CA ILE F 112 30.90 -14.49 3.95
C ILE F 112 32.19 -14.67 3.17
N ALA F 113 32.10 -14.94 1.88
CA ALA F 113 33.30 -14.86 1.05
C ALA F 113 33.74 -13.40 0.97
N LYS F 114 35.05 -13.16 0.96
CA LYS F 114 35.54 -11.78 0.87
C LYS F 114 35.04 -11.08 -0.38
N GLY F 115 34.88 -11.80 -1.49
CA GLY F 115 34.33 -11.18 -2.69
C GLY F 115 32.86 -10.81 -2.56
N HIS F 116 32.22 -11.18 -1.45
CA HIS F 116 30.85 -10.81 -1.15
C HIS F 116 30.77 -9.83 0.03
N ALA F 117 31.90 -9.32 0.50
CA ALA F 117 31.94 -8.44 1.65
C ALA F 117 32.51 -7.10 1.22
N GLY F 118 31.83 -6.02 1.59
CA GLY F 118 32.27 -4.68 1.23
C GLY F 118 32.44 -3.81 2.46
N VAL F 119 33.53 -3.06 2.48
CA VAL F 119 33.75 -2.02 3.46
C VAL F 119 34.12 -0.76 2.68
N GLY F 120 33.44 0.34 2.98
CA GLY F 120 33.68 1.58 2.26
C GLY F 120 33.56 1.49 0.75
N GLY F 121 32.78 0.55 0.26
CA GLY F 121 32.61 0.34 -1.16
C GLY F 121 33.65 -0.54 -1.82
N GLU F 122 34.56 -1.12 -1.05
CA GLU F 122 35.61 -1.97 -1.58
C GLU F 122 35.47 -3.39 -1.04
N LEU F 123 35.83 -4.35 -1.87
CA LEU F 123 35.81 -5.75 -1.46
C LEU F 123 36.81 -5.99 -0.33
N LEU F 124 36.40 -6.78 0.66
CA LEU F 124 37.33 -7.18 1.72
C LEU F 124 38.57 -7.85 1.13
N SER F 125 38.40 -8.54 0.00
CA SER F 125 39.53 -9.17 -0.66
C SER F 125 40.62 -8.18 -1.07
N LYS F 126 40.36 -6.88 -0.99
CA LYS F 126 41.31 -5.85 -1.38
C LYS F 126 41.97 -5.23 -0.15
#